data_3NET
#
_entry.id   3NET
#
_cell.length_a   73.656
_cell.length_b   73.656
_cell.length_c   521.912
_cell.angle_alpha   90.00
_cell.angle_beta   90.00
_cell.angle_gamma   90.00
#
_symmetry.space_group_name_H-M   'P 43 2 2'
#
loop_
_entity.id
_entity.type
_entity.pdbx_description
1 polymer 'Histidyl-tRNA synthetase'
2 non-polymer 'ACETATE ION'
3 water water
#
_entity_poly.entity_id   1
_entity_poly.type   'polypeptide(L)'
_entity_poly.pdbx_seq_one_letter_code
;SNA(MSE)AKNDKINFSTPSGFPEFLPSEKRLELYLLDTIRRVYESYGFTPIETPAVERLEVLQAKGNQGDNIIYGLEPI
LPPNRQAEKDKSGDTGSEARALKFDQTVPLAAYIARHLNDLTFPFARYQ(MSE)DVVFRGERAKDGRFRQFRQCDIDVVG
REKLSLLYDAQ(MSE)PAIITEIFEAVNIGDFVIRINNRKVLTGFFQSLNISETQIKSCISIIDNLEKIGEAKVKLELEK
EGINPEQTQKIIDFVKIDGSVDDVLDKLKHLSQTLPESEQFNLGVSELETVITGVRNLGVPDKRFCIDLAIARGLNYYTG
TVYETTLIGHEALGSICSGGRYEELVGTFIGEK(MSE)PGVGISIGLTRLISRLLKAGILNTLPPTPAQVVVVN(MSE)Q
DEL(MSE)PTYLKVSQQLRQAGLNVITNFEKRQLGKQFQAADKQGIRFCVIIGADEAAAQKSSLKDLQSGEQVEVALADL
AEEIKRRLT
;
_entity_poly.pdbx_strand_id   A,B
#
loop_
_chem_comp.id
_chem_comp.type
_chem_comp.name
_chem_comp.formula
ACT non-polymer 'ACETATE ION' 'C2 H3 O2 -1'
#
# COMPACT_ATOMS: atom_id res chain seq x y z
N LYS A 9 31.31 -12.87 -10.76
CA LYS A 9 31.67 -11.59 -10.07
C LYS A 9 30.58 -10.52 -10.23
N ILE A 10 29.33 -10.91 -10.00
CA ILE A 10 28.17 -10.05 -10.24
C ILE A 10 28.06 -8.85 -9.29
N ASN A 11 27.41 -7.79 -9.74
CA ASN A 11 27.16 -6.59 -8.92
C ASN A 11 25.67 -6.43 -8.61
N PHE A 12 25.33 -6.62 -7.33
CA PHE A 12 23.95 -6.81 -6.92
C PHE A 12 23.23 -5.56 -6.47
N SER A 13 23.92 -4.43 -6.38
CA SER A 13 23.29 -3.16 -5.97
C SER A 13 22.21 -2.71 -6.96
N THR A 14 21.29 -1.87 -6.49
CA THR A 14 20.18 -1.40 -7.34
C THR A 14 20.73 -0.58 -8.52
N PRO A 15 19.99 -0.54 -9.65
CA PRO A 15 20.40 0.35 -10.73
C PRO A 15 20.38 1.81 -10.22
N SER A 16 21.28 2.64 -10.72
CA SER A 16 21.39 4.02 -10.23
C SER A 16 20.06 4.75 -10.28
N GLY A 17 19.62 5.28 -9.14
CA GLY A 17 18.39 6.04 -9.07
C GLY A 17 17.14 5.23 -8.74
N PHE A 18 17.32 3.94 -8.48
CA PHE A 18 16.22 3.11 -7.99
C PHE A 18 16.47 2.86 -6.51
N PRO A 19 16.00 3.77 -5.64
CA PRO A 19 16.26 3.61 -4.22
C PRO A 19 15.45 2.45 -3.64
N GLU A 20 15.86 2.01 -2.45
CA GLU A 20 15.24 0.91 -1.73
C GLU A 20 15.57 1.13 -0.25
N PHE A 21 14.58 0.94 0.62
CA PHE A 21 14.77 1.23 2.03
C PHE A 21 15.32 0.04 2.77
N LEU A 22 15.84 0.31 3.97
CA LEU A 22 16.07 -0.72 4.98
C LEU A 22 14.74 -0.89 5.72
N PRO A 23 14.54 -2.04 6.38
CA PRO A 23 13.34 -2.28 7.18
C PRO A 23 12.84 -1.05 7.94
N SER A 24 13.74 -0.39 8.68
CA SER A 24 13.40 0.79 9.47
C SER A 24 12.71 1.87 8.66
N GLU A 25 13.30 2.26 7.52
CA GLU A 25 12.68 3.29 6.67
C GLU A 25 11.48 2.77 5.92
N LYS A 26 11.46 1.49 5.60
CA LYS A 26 10.27 0.90 5.01
C LYS A 26 9.08 0.95 5.97
N ARG A 27 9.32 0.63 7.24
CA ARG A 27 8.27 0.73 8.27
C ARG A 27 7.74 2.15 8.48
N LEU A 28 8.62 3.15 8.32
CA LEU A 28 8.23 4.56 8.36
C LEU A 28 7.40 4.93 7.14
N GLU A 29 7.83 4.48 5.95
CA GLU A 29 7.09 4.74 4.71
C GLU A 29 5.64 4.26 4.83
N LEU A 30 5.50 2.98 5.19
CA LEU A 30 4.22 2.34 5.35
C LEU A 30 3.35 3.05 6.39
N TYR A 31 3.95 3.49 7.49
CA TYR A 31 3.24 4.24 8.51
C TYR A 31 2.68 5.56 7.96
N LEU A 32 3.49 6.24 7.13
CA LEU A 32 3.05 7.43 6.41
C LEU A 32 1.96 7.11 5.38
N LEU A 33 2.11 6.02 4.63
CA LEU A 33 1.08 5.62 3.68
C LEU A 33 -0.25 5.36 4.39
N ASP A 34 -0.21 4.63 5.51
CA ASP A 34 -1.40 4.39 6.34
C ASP A 34 -2.06 5.71 6.80
N THR A 35 -1.22 6.67 7.20
CA THR A 35 -1.70 7.95 7.67
C THR A 35 -2.37 8.73 6.53
N ILE A 36 -1.69 8.82 5.39
CA ILE A 36 -2.26 9.53 4.24
C ILE A 36 -3.59 8.86 3.87
N ARG A 37 -3.55 7.54 3.71
CA ARG A 37 -4.70 6.79 3.22
C ARG A 37 -5.92 6.97 4.10
N ARG A 38 -5.70 6.99 5.42
CA ARG A 38 -6.79 7.17 6.38
C ARG A 38 -7.48 8.53 6.14
N VAL A 39 -6.69 9.56 5.90
CA VAL A 39 -7.24 10.90 5.68
C VAL A 39 -8.02 10.94 4.37
N TYR A 40 -7.43 10.41 3.31
CA TYR A 40 -8.09 10.33 2.00
C TYR A 40 -9.46 9.65 2.08
N GLU A 41 -9.52 8.56 2.85
CA GLU A 41 -10.72 7.74 2.94
C GLU A 41 -11.80 8.39 3.80
N SER A 42 -11.40 9.26 4.71
CA SER A 42 -12.38 9.98 5.53
C SER A 42 -13.12 11.05 4.71
N TYR A 43 -12.53 11.46 3.60
CA TYR A 43 -13.21 12.36 2.69
C TYR A 43 -13.81 11.59 1.52
N GLY A 44 -13.77 10.27 1.60
CA GLY A 44 -14.47 9.44 0.65
C GLY A 44 -13.74 9.13 -0.64
N PHE A 45 -12.43 9.35 -0.66
CA PHE A 45 -11.63 8.96 -1.81
C PHE A 45 -11.40 7.45 -1.80
N THR A 46 -11.60 6.83 -2.95
CA THR A 46 -11.50 5.39 -3.11
C THR A 46 -10.17 5.00 -3.80
N PRO A 47 -9.64 3.79 -3.54
CA PRO A 47 -8.36 3.54 -4.20
C PRO A 47 -8.52 2.89 -5.58
N ILE A 48 -7.55 3.18 -6.44
CA ILE A 48 -7.39 2.47 -7.69
C ILE A 48 -5.89 2.26 -7.86
N GLU A 49 -5.54 1.27 -8.67
CA GLU A 49 -4.17 1.05 -9.07
C GLU A 49 -4.16 0.70 -10.55
N THR A 50 -3.46 1.51 -11.31
CA THR A 50 -3.35 1.26 -12.72
C THR A 50 -2.04 0.48 -12.91
N PRO A 51 -1.93 -0.31 -14.00
CA PRO A 51 -0.71 -1.08 -14.23
C PRO A 51 0.55 -0.22 -14.29
N ALA A 52 1.69 -0.82 -13.96
CA ALA A 52 2.98 -0.14 -14.11
C ALA A 52 3.20 0.17 -15.59
N VAL A 53 2.63 -0.69 -16.42
CA VAL A 53 2.85 -0.68 -17.85
C VAL A 53 1.58 -0.19 -18.56
N GLU A 54 1.75 0.79 -19.46
CA GLU A 54 0.65 1.28 -20.28
C GLU A 54 1.05 1.17 -21.74
N ARG A 55 0.10 1.32 -22.66
CA ARG A 55 0.42 1.41 -24.10
C ARG A 55 1.16 2.73 -24.38
N LEU A 56 2.07 2.69 -25.34
CA LEU A 56 2.87 3.87 -25.65
C LEU A 56 2.04 5.01 -26.25
N GLU A 57 0.97 4.68 -26.97
CA GLU A 57 0.05 5.69 -27.53
C GLU A 57 -0.55 6.55 -26.42
N VAL A 58 -0.89 5.89 -25.32
CA VAL A 58 -1.52 6.50 -24.17
C VAL A 58 -0.56 7.48 -23.50
N LEU A 59 0.66 7.03 -23.26
CA LEU A 59 1.65 7.83 -22.52
C LEU A 59 2.20 9.00 -23.32
N GLN A 60 2.18 8.88 -24.65
CA GLN A 60 2.64 9.93 -25.56
C GLN A 60 1.53 10.85 -26.04
N ALA A 61 0.28 10.41 -25.86
CA ALA A 61 -0.91 11.13 -26.34
C ALA A 61 -0.95 12.62 -26.01
N LYS A 62 -1.57 13.38 -26.92
CA LYS A 62 -1.70 14.83 -26.80
C LYS A 62 -0.36 15.52 -26.50
N GLY A 63 0.73 14.87 -26.89
CA GLY A 63 2.09 15.35 -26.63
C GLY A 63 2.51 15.31 -25.17
N ASN A 64 1.61 14.82 -24.32
CA ASN A 64 1.83 14.86 -22.88
C ASN A 64 2.78 13.78 -22.34
N GLN A 65 3.87 13.54 -23.08
CA GLN A 65 5.00 12.77 -22.56
C GLN A 65 5.86 13.71 -21.72
N ASN A 68 10.67 14.74 -20.58
CA ASN A 68 10.53 13.54 -19.76
C ASN A 68 10.88 12.27 -20.52
N ILE A 69 11.95 11.60 -20.09
CA ILE A 69 12.38 10.33 -20.68
C ILE A 69 11.60 9.17 -20.07
N ILE A 70 11.01 8.34 -20.93
CA ILE A 70 10.21 7.22 -20.43
C ILE A 70 10.82 5.87 -20.82
N TYR A 71 10.57 4.86 -19.99
CA TYR A 71 11.12 3.52 -20.20
C TYR A 71 10.17 2.58 -20.96
N GLY A 72 10.52 2.30 -22.22
CA GLY A 72 9.78 1.33 -23.02
C GLY A 72 10.05 -0.10 -22.60
N LEU A 73 9.45 -1.06 -23.31
CA LEU A 73 9.66 -2.46 -23.00
C LEU A 73 9.64 -3.37 -24.24
N GLU A 74 10.77 -4.03 -24.50
CA GLU A 74 10.82 -5.18 -25.41
C GLU A 74 11.23 -6.40 -24.58
N PRO A 75 10.49 -7.52 -24.71
CA PRO A 75 10.78 -8.75 -23.97
C PRO A 75 12.13 -9.42 -24.31
N ILE A 76 12.69 -10.11 -23.31
CA ILE A 76 13.93 -10.88 -23.44
C ILE A 76 13.60 -12.36 -23.29
N LEU A 77 13.80 -13.12 -24.37
CA LEU A 77 13.46 -14.54 -24.43
C LEU A 77 14.52 -15.40 -23.74
N GLU A 94 2.87 -4.91 -29.56
CA GLU A 94 2.30 -3.62 -29.20
C GLU A 94 3.20 -2.83 -28.24
N ALA A 95 3.65 -1.67 -28.69
CA ALA A 95 4.54 -0.82 -27.91
C ALA A 95 3.90 -0.40 -26.59
N ARG A 96 4.69 -0.46 -25.53
CA ARG A 96 4.21 -0.18 -24.18
C ARG A 96 5.34 0.33 -23.30
N ALA A 97 4.97 1.09 -22.26
CA ALA A 97 5.96 1.74 -21.38
C ALA A 97 5.48 1.89 -19.94
N LEU A 98 6.46 2.01 -19.03
CA LEU A 98 6.20 2.25 -17.62
C LEU A 98 5.61 3.63 -17.40
N LYS A 99 4.62 3.71 -16.52
CA LYS A 99 4.01 5.00 -16.18
C LYS A 99 5.06 5.96 -15.60
N PHE A 100 4.90 7.25 -15.90
CA PHE A 100 5.84 8.27 -15.41
C PHE A 100 5.16 9.27 -14.48
N ASP A 101 3.82 9.30 -14.52
CA ASP A 101 3.01 10.08 -13.59
C ASP A 101 1.69 9.35 -13.42
N GLN A 102 0.83 9.82 -12.52
CA GLN A 102 -0.44 9.13 -12.22
C GLN A 102 -1.65 9.79 -12.85
N THR A 103 -1.46 10.96 -13.43
CA THR A 103 -2.58 11.73 -14.01
C THR A 103 -2.98 11.24 -15.43
N VAL A 104 -2.00 10.81 -16.22
CA VAL A 104 -2.34 10.19 -17.49
C VAL A 104 -3.08 8.86 -17.28
N PRO A 105 -2.50 7.91 -16.52
CA PRO A 105 -3.24 6.67 -16.22
C PRO A 105 -4.68 6.90 -15.73
N LEU A 106 -4.89 7.89 -14.87
CA LEU A 106 -6.23 8.21 -14.37
C LEU A 106 -7.19 8.59 -15.49
N ALA A 107 -6.71 9.37 -16.45
CA ALA A 107 -7.49 9.72 -17.62
C ALA A 107 -7.80 8.47 -18.45
N ALA A 108 -6.79 7.62 -18.65
CA ALA A 108 -6.96 6.39 -19.41
C ALA A 108 -7.85 5.41 -18.65
N TYR A 109 -7.84 5.53 -17.32
CA TYR A 109 -8.64 4.69 -16.45
C TYR A 109 -10.12 5.06 -16.57
N ILE A 110 -10.40 6.35 -16.51
CA ILE A 110 -11.76 6.85 -16.66
C ILE A 110 -12.34 6.46 -18.04
N ALA A 111 -11.53 6.59 -19.08
CA ALA A 111 -11.89 6.14 -20.43
C ALA A 111 -12.28 4.66 -20.48
N ARG A 112 -11.53 3.81 -19.77
CA ARG A 112 -11.78 2.36 -19.77
C ARG A 112 -13.02 1.97 -18.98
N HIS A 113 -13.37 2.75 -17.96
CA HIS A 113 -14.46 2.38 -17.05
C HIS A 113 -15.56 3.44 -17.00
N LEU A 114 -15.61 4.29 -18.02
CA LEU A 114 -16.55 5.41 -18.04
C LEU A 114 -17.92 5.05 -17.45
N ASN A 115 -18.55 4.00 -17.97
CA ASN A 115 -19.92 3.63 -17.56
C ASN A 115 -20.05 2.86 -16.24
N ASP A 116 -18.92 2.55 -15.61
CA ASP A 116 -18.92 1.80 -14.36
C ASP A 116 -18.56 2.67 -13.13
N LEU A 117 -18.12 3.90 -13.38
CA LEU A 117 -17.75 4.77 -12.30
C LEU A 117 -18.86 5.74 -11.95
N THR A 118 -18.85 6.19 -10.70
CA THR A 118 -19.73 7.25 -10.24
C THR A 118 -18.98 8.59 -10.31
N PHE A 119 -19.69 9.64 -10.71
CA PHE A 119 -19.13 10.98 -10.84
C PHE A 119 -19.89 12.00 -9.97
N PRO A 120 -19.17 13.01 -9.40
CA PRO A 120 -17.73 13.24 -9.47
C PRO A 120 -16.95 12.04 -8.95
N PHE A 121 -15.96 11.58 -9.71
CA PHE A 121 -15.15 10.42 -9.35
C PHE A 121 -13.90 10.80 -8.54
N ALA A 122 -13.92 10.40 -7.27
CA ALA A 122 -12.91 10.73 -6.29
C ALA A 122 -12.02 9.52 -5.99
N ARG A 123 -10.75 9.61 -6.36
CA ARG A 123 -9.82 8.47 -6.30
C ARG A 123 -8.51 8.84 -5.59
N TYR A 124 -7.95 7.91 -4.83
CA TYR A 124 -6.57 8.04 -4.45
C TYR A 124 -5.74 6.96 -5.12
N GLN A 125 -4.47 7.27 -5.41
CA GLN A 125 -3.57 6.35 -6.09
C GLN A 125 -2.20 6.51 -5.47
N MSE A 126 -1.60 5.39 -5.07
CA MSE A 126 -0.31 5.43 -4.38
C MSE A 126 0.76 4.55 -5.05
O MSE A 126 1.61 3.96 -4.37
CB MSE A 126 -0.51 5.16 -2.88
CG MSE A 126 -1.57 6.12 -2.27
SE MSE A 126 -1.63 6.37 -0.32
CE MSE A 126 -1.68 4.50 0.23
N ASP A 127 0.72 4.49 -6.37
CA ASP A 127 1.64 3.70 -7.18
C ASP A 127 3.03 4.33 -7.31
N VAL A 128 4.03 3.51 -7.58
CA VAL A 128 5.35 4.02 -7.99
C VAL A 128 5.28 4.50 -9.44
N VAL A 129 6.11 5.48 -9.79
CA VAL A 129 6.21 5.94 -11.17
C VAL A 129 7.68 6.01 -11.58
N PHE A 130 7.93 5.96 -12.89
CA PHE A 130 9.29 5.81 -13.44
C PHE A 130 9.65 6.94 -14.42
N ARG A 131 10.69 7.70 -14.08
CA ARG A 131 11.17 8.81 -14.92
C ARG A 131 12.68 8.70 -15.09
N GLY A 132 13.16 8.89 -16.32
CA GLY A 132 14.59 8.91 -16.61
C GLY A 132 15.09 10.33 -16.64
N GLU A 133 16.33 10.54 -16.20
CA GLU A 133 16.95 11.86 -16.29
C GLU A 133 18.36 11.80 -16.87
N PHE A 140 16.24 10.09 -8.54
CA PHE A 140 15.27 8.99 -8.45
C PHE A 140 14.59 8.71 -9.79
N ARG A 141 14.83 7.52 -10.33
CA ARG A 141 14.17 7.06 -11.54
C ARG A 141 12.86 6.31 -11.23
N GLN A 142 12.72 5.91 -9.97
CA GLN A 142 11.48 5.32 -9.45
C GLN A 142 11.13 6.01 -8.13
N PHE A 143 9.89 6.51 -8.04
CA PHE A 143 9.43 7.19 -6.84
C PHE A 143 7.92 7.11 -6.72
N ARG A 144 7.45 7.06 -5.48
CA ARG A 144 6.03 6.98 -5.21
C ARG A 144 5.40 8.34 -5.14
N GLN A 145 4.19 8.41 -5.70
CA GLN A 145 3.36 9.58 -5.61
C GLN A 145 2.03 9.20 -4.96
N CYS A 146 1.62 10.01 -4.00
CA CYS A 146 0.34 9.82 -3.33
C CYS A 146 -0.59 10.91 -3.83
N ASP A 147 -1.58 10.51 -4.65
CA ASP A 147 -2.42 11.50 -5.34
C ASP A 147 -3.89 11.31 -4.98
N ILE A 148 -4.60 12.43 -4.86
CA ILE A 148 -6.06 12.39 -4.93
C ILE A 148 -6.53 13.35 -5.99
N ASP A 149 -7.56 12.93 -6.71
CA ASP A 149 -8.23 13.76 -7.68
C ASP A 149 -9.71 13.51 -7.57
N VAL A 150 -10.49 14.56 -7.74
CA VAL A 150 -11.91 14.44 -8.00
C VAL A 150 -12.07 14.89 -9.43
N VAL A 151 -12.68 14.03 -10.24
CA VAL A 151 -12.99 14.39 -11.62
C VAL A 151 -14.50 14.41 -11.84
N GLY A 152 -14.99 15.50 -12.40
CA GLY A 152 -16.41 15.68 -12.65
C GLY A 152 -16.78 15.60 -14.12
N ARG A 153 -18.06 15.43 -14.38
CA ARG A 153 -18.54 15.20 -15.72
C ARG A 153 -18.56 16.46 -16.60
N GLU A 154 -19.33 17.49 -16.24
CA GLU A 154 -19.32 18.73 -17.05
C GLU A 154 -18.86 19.96 -16.26
N LYS A 155 -19.01 19.84 -14.94
CA LYS A 155 -18.83 20.91 -14.01
C LYS A 155 -18.39 20.24 -12.72
N LEU A 156 -17.69 20.97 -11.86
CA LEU A 156 -17.23 20.42 -10.60
C LEU A 156 -17.29 21.51 -9.56
N SER A 157 -17.96 21.23 -8.44
CA SER A 157 -18.12 22.20 -7.39
C SER A 157 -16.78 22.75 -6.92
N LEU A 158 -16.73 24.06 -6.66
CA LEU A 158 -15.53 24.65 -6.11
C LEU A 158 -15.28 24.13 -4.70
N LEU A 159 -16.30 23.48 -4.13
CA LEU A 159 -16.19 22.93 -2.77
C LEU A 159 -15.21 21.75 -2.68
N TYR A 160 -15.00 21.06 -3.80
CA TYR A 160 -13.94 20.06 -3.88
C TYR A 160 -12.58 20.76 -3.78
N ASP A 161 -12.47 21.95 -4.35
CA ASP A 161 -11.24 22.73 -4.23
C ASP A 161 -10.99 23.15 -2.79
N ALA A 162 -12.06 23.43 -2.06
CA ALA A 162 -11.96 23.87 -0.65
C ALA A 162 -11.56 22.75 0.29
N GLN A 163 -11.92 21.51 -0.04
CA GLN A 163 -11.59 20.36 0.80
C GLN A 163 -10.09 20.11 0.84
N MSE A 164 -9.40 20.44 -0.24
CA MSE A 164 -8.00 20.10 -0.37
C MSE A 164 -7.13 20.66 0.76
O MSE A 164 -6.39 19.91 1.39
CB MSE A 164 -7.48 20.45 -1.77
CG MSE A 164 -8.15 19.69 -2.90
SE MSE A 164 -8.16 17.77 -2.61
CE MSE A 164 -8.41 17.20 -4.45
N PRO A 165 -7.26 21.98 1.07
CA PRO A 165 -6.43 22.41 2.20
C PRO A 165 -6.81 21.73 3.52
N ALA A 166 -8.09 21.45 3.71
CA ALA A 166 -8.57 20.65 4.83
C ALA A 166 -7.89 19.27 4.85
N ILE A 167 -7.82 18.64 3.69
CA ILE A 167 -7.18 17.34 3.57
C ILE A 167 -5.68 17.47 3.87
N ILE A 168 -5.04 18.46 3.24
CA ILE A 168 -3.62 18.70 3.49
C ILE A 168 -3.34 18.92 4.98
N THR A 169 -4.12 19.83 5.59
CA THR A 169 -3.98 20.14 7.02
C THR A 169 -4.03 18.88 7.89
N GLU A 170 -5.10 18.08 7.77
CA GLU A 170 -5.21 16.80 8.50
C GLU A 170 -3.99 15.87 8.32
N ILE A 171 -3.54 15.69 7.08
CA ILE A 171 -2.36 14.88 6.78
C ILE A 171 -1.09 15.28 7.56
N PHE A 172 -0.65 16.52 7.41
CA PHE A 172 0.60 16.95 8.06
C PHE A 172 0.49 17.29 9.56
N GLU A 173 -0.74 17.38 10.07
CA GLU A 173 -0.92 17.39 11.52
C GLU A 173 -0.72 16.00 12.10
N ALA A 174 -1.10 14.97 11.35
CA ALA A 174 -0.92 13.61 11.83
C ALA A 174 0.55 13.20 11.75
N VAL A 175 1.21 13.59 10.66
CA VAL A 175 2.61 13.31 10.40
C VAL A 175 3.54 14.03 11.42
N ASN A 176 3.09 15.19 11.89
CA ASN A 176 3.68 15.87 13.02
C ASN A 176 5.14 16.28 12.82
N ILE A 177 5.36 17.20 11.89
CA ILE A 177 6.72 17.62 11.52
C ILE A 177 6.97 19.13 11.60
N GLY A 178 6.20 19.80 12.47
CA GLY A 178 6.18 21.26 12.55
C GLY A 178 5.03 21.91 11.81
N ASP A 179 4.75 23.16 12.13
CA ASP A 179 3.75 23.96 11.43
C ASP A 179 4.04 24.17 9.93
N PHE A 180 3.01 24.48 9.17
CA PHE A 180 3.09 24.56 7.72
C PHE A 180 2.04 25.56 7.21
N VAL A 181 2.24 26.06 6.00
CA VAL A 181 1.29 27.01 5.43
C VAL A 181 0.92 26.53 4.03
N ILE A 182 -0.36 26.38 3.80
CA ILE A 182 -0.87 26.05 2.50
C ILE A 182 -1.08 27.37 1.77
N ARG A 183 -0.19 27.64 0.82
CA ARG A 183 -0.30 28.82 -0.03
C ARG A 183 -1.24 28.55 -1.18
N ILE A 184 -2.26 29.40 -1.34
CA ILE A 184 -3.33 29.19 -2.32
C ILE A 184 -3.41 30.36 -3.30
N ASN A 185 -3.69 30.02 -4.57
CA ASN A 185 -3.91 31.04 -5.59
C ASN A 185 -5.02 30.58 -6.57
N ASN A 186 -5.22 31.34 -7.64
CA ASN A 186 -6.12 30.94 -8.70
C ASN A 186 -5.60 31.48 -10.02
N ARG A 187 -5.40 30.57 -10.98
CA ARG A 187 -4.78 30.90 -12.27
C ARG A 187 -5.53 31.96 -13.02
N LYS A 188 -6.84 32.01 -12.85
CA LYS A 188 -7.63 33.04 -13.50
C LYS A 188 -7.31 34.44 -12.95
N VAL A 189 -6.87 34.53 -11.71
CA VAL A 189 -6.46 35.80 -11.13
C VAL A 189 -5.12 36.24 -11.75
N LEU A 190 -4.16 35.32 -11.82
CA LEU A 190 -2.86 35.61 -12.42
C LEU A 190 -2.98 35.94 -13.94
N THR A 191 -3.50 34.98 -14.72
CA THR A 191 -3.76 35.22 -16.14
C THR A 191 -4.68 36.43 -16.36
N GLY A 192 -5.73 36.53 -15.55
CA GLY A 192 -6.65 37.63 -15.66
C GLY A 192 -5.95 38.96 -15.48
N PHE A 193 -5.02 39.02 -14.53
CA PHE A 193 -4.27 40.26 -14.30
C PHE A 193 -3.42 40.68 -15.50
N PHE A 194 -2.69 39.73 -16.07
CA PHE A 194 -1.89 40.00 -17.26
C PHE A 194 -2.75 40.40 -18.44
N GLN A 195 -3.92 39.78 -18.59
CA GLN A 195 -4.83 40.19 -19.65
C GLN A 195 -5.24 41.64 -19.56
N SER A 196 -5.36 42.19 -18.35
CA SER A 196 -5.77 43.59 -18.20
C SER A 196 -4.67 44.57 -18.65
N LEU A 197 -3.43 44.07 -18.76
CA LEU A 197 -2.34 44.92 -19.24
C LEU A 197 -2.24 44.89 -20.76
N ASN A 198 -3.05 44.03 -21.37
CA ASN A 198 -3.22 43.96 -22.81
C ASN A 198 -2.11 43.25 -23.57
N ILE A 199 -1.40 42.36 -22.90
CA ILE A 199 -0.32 41.64 -23.54
C ILE A 199 -0.83 40.32 -24.13
N SER A 200 -0.19 39.87 -25.21
CA SER A 200 -0.53 38.61 -25.87
C SER A 200 -0.56 37.42 -24.91
N GLU A 201 -1.32 36.40 -25.30
CA GLU A 201 -1.40 35.17 -24.56
C GLU A 201 0.00 34.58 -24.42
N THR A 202 0.79 34.73 -25.49
CA THR A 202 2.15 34.20 -25.48
C THR A 202 3.08 34.88 -24.47
N GLN A 203 3.06 36.22 -24.42
CA GLN A 203 3.84 36.95 -23.46
C GLN A 203 3.42 36.59 -22.03
N ILE A 204 2.11 36.40 -21.84
CA ILE A 204 1.53 36.07 -20.53
C ILE A 204 2.18 34.79 -19.97
N LYS A 205 2.18 33.73 -20.77
CA LYS A 205 2.83 32.47 -20.38
C LYS A 205 4.28 32.66 -19.98
N SER A 206 5.06 33.37 -20.78
CA SER A 206 6.45 33.53 -20.43
C SER A 206 6.65 34.51 -19.27
N CYS A 207 5.71 35.44 -19.08
CA CYS A 207 5.70 36.27 -17.89
C CYS A 207 5.42 35.46 -16.62
N ILE A 208 4.43 34.57 -16.70
CA ILE A 208 4.06 33.73 -15.55
C ILE A 208 5.30 32.89 -15.20
N SER A 209 6.01 32.46 -16.22
CA SER A 209 7.21 31.65 -16.06
C SER A 209 8.38 32.40 -15.38
N ILE A 210 8.52 33.69 -15.68
CA ILE A 210 9.47 34.54 -14.95
C ILE A 210 9.03 34.74 -13.48
N ILE A 211 7.74 35.01 -13.29
CA ILE A 211 7.16 35.21 -11.97
C ILE A 211 7.35 33.95 -11.11
N ASP A 212 7.37 32.79 -11.76
CA ASP A 212 7.61 31.55 -11.05
C ASP A 212 9.03 31.45 -10.49
N ASN A 213 9.94 32.26 -10.99
CA ASN A 213 11.33 32.25 -10.58
C ASN A 213 11.70 33.43 -9.70
N LEU A 214 10.70 34.22 -9.32
CA LEU A 214 10.88 35.45 -8.59
C LEU A 214 11.80 35.35 -7.36
N GLU A 215 11.53 34.37 -6.50
CA GLU A 215 12.31 34.17 -5.26
C GLU A 215 13.77 33.83 -5.52
N LYS A 216 14.01 33.09 -6.59
CA LYS A 216 15.34 32.58 -6.91
C LYS A 216 16.25 33.64 -7.56
N ILE A 217 15.72 34.33 -8.56
CA ILE A 217 16.51 35.28 -9.33
C ILE A 217 16.39 36.75 -8.86
N GLY A 218 15.40 37.05 -8.01
CA GLY A 218 15.23 38.40 -7.47
C GLY A 218 14.52 39.39 -8.37
N GLU A 219 14.05 40.48 -7.76
CA GLU A 219 13.24 41.46 -8.47
C GLU A 219 13.93 42.19 -9.60
N ALA A 220 15.20 42.52 -9.38
CA ALA A 220 15.97 43.24 -10.37
C ALA A 220 16.04 42.41 -11.65
N LYS A 221 16.33 41.12 -11.50
CA LYS A 221 16.39 40.19 -12.62
C LYS A 221 15.02 39.89 -13.23
N VAL A 222 14.00 39.77 -12.39
CA VAL A 222 12.63 39.68 -12.92
C VAL A 222 12.31 40.90 -13.83
N LYS A 223 12.67 42.12 -13.41
CA LYS A 223 12.44 43.30 -14.24
C LYS A 223 13.12 43.18 -15.62
N LEU A 224 14.38 42.77 -15.64
CA LEU A 224 15.11 42.61 -16.88
C LEU A 224 14.44 41.56 -17.77
N GLU A 225 14.06 40.44 -17.17
CA GLU A 225 13.47 39.33 -17.92
C GLU A 225 12.11 39.72 -18.53
N LEU A 226 11.31 40.45 -17.77
CA LEU A 226 10.09 41.02 -18.30
C LEU A 226 10.34 41.97 -19.48
N GLU A 227 11.36 42.81 -19.38
CA GLU A 227 11.66 43.74 -20.45
C GLU A 227 12.07 42.97 -21.73
N LYS A 228 12.83 41.90 -21.56
CA LYS A 228 13.21 41.08 -22.71
C LYS A 228 11.99 40.45 -23.38
N GLU A 229 10.87 40.36 -22.68
CA GLU A 229 9.64 39.86 -23.28
C GLU A 229 8.73 40.97 -23.83
N GLY A 230 9.25 42.20 -23.86
CA GLY A 230 8.53 43.31 -24.49
C GLY A 230 7.72 44.17 -23.54
N ILE A 231 7.78 43.78 -22.26
CA ILE A 231 7.04 44.44 -21.19
C ILE A 231 7.66 45.81 -20.81
N ASN A 232 6.83 46.85 -20.81
CA ASN A 232 7.34 48.19 -20.55
C ASN A 232 7.45 48.50 -19.04
N PRO A 233 8.10 49.62 -18.66
CA PRO A 233 8.27 49.89 -17.22
C PRO A 233 6.99 50.10 -16.39
N GLU A 234 5.94 50.70 -16.96
CA GLU A 234 4.68 50.81 -16.24
C GLU A 234 4.10 49.41 -15.98
N GLN A 235 4.07 48.57 -17.02
CA GLN A 235 3.53 47.21 -16.90
C GLN A 235 4.33 46.39 -15.92
N THR A 236 5.65 46.54 -15.98
CA THR A 236 6.59 45.87 -15.06
C THR A 236 6.36 46.17 -13.57
N GLN A 237 6.24 47.45 -13.22
CA GLN A 237 5.94 47.85 -11.87
C GLN A 237 4.59 47.26 -11.41
N LYS A 238 3.58 47.36 -12.28
CA LYS A 238 2.28 46.82 -11.96
C LYS A 238 2.38 45.32 -11.69
N ILE A 239 3.10 44.61 -12.54
CA ILE A 239 3.31 43.18 -12.38
C ILE A 239 3.92 42.82 -11.01
N ILE A 240 5.06 43.43 -10.67
CA ILE A 240 5.74 43.14 -9.42
C ILE A 240 4.93 43.54 -8.16
N ASP A 241 4.30 44.71 -8.20
CA ASP A 241 3.38 45.14 -7.16
C ASP A 241 2.24 44.14 -6.94
N PHE A 242 1.78 43.52 -8.01
CA PHE A 242 0.70 42.57 -7.91
C PHE A 242 1.16 41.23 -7.29
N VAL A 243 2.23 40.65 -7.82
CA VAL A 243 2.65 39.33 -7.35
C VAL A 243 3.23 39.39 -5.95
N LYS A 244 3.55 40.61 -5.49
CA LYS A 244 4.08 40.80 -4.16
C LYS A 244 3.02 41.23 -3.13
N ILE A 245 1.75 41.22 -3.54
CA ILE A 245 0.64 41.54 -2.62
C ILE A 245 0.66 40.58 -1.47
N ASP A 246 0.60 41.12 -0.28
CA ASP A 246 0.86 40.31 0.90
C ASP A 246 0.11 40.88 2.10
N GLY A 247 -0.80 40.10 2.66
CA GLY A 247 -1.49 40.46 3.90
C GLY A 247 -2.44 39.36 4.32
N SER A 248 -3.35 39.68 5.24
CA SER A 248 -4.37 38.72 5.64
C SER A 248 -5.24 38.29 4.45
N VAL A 249 -5.88 37.16 4.59
CA VAL A 249 -6.70 36.68 3.50
C VAL A 249 -7.73 37.74 3.04
N ASP A 250 -8.33 38.44 4.00
CA ASP A 250 -9.42 39.36 3.70
C ASP A 250 -8.98 40.66 3.02
N ASP A 251 -7.80 41.18 3.40
CA ASP A 251 -7.25 42.39 2.81
C ASP A 251 -6.74 42.07 1.41
N VAL A 252 -6.20 40.86 1.23
CA VAL A 252 -5.78 40.42 -0.10
C VAL A 252 -7.01 40.29 -0.99
N LEU A 253 -8.05 39.60 -0.50
CA LEU A 253 -9.34 39.60 -1.22
C LEU A 253 -9.92 41.00 -1.45
N ASP A 254 -9.81 41.90 -0.48
CA ASP A 254 -10.28 43.27 -0.66
C ASP A 254 -9.51 44.00 -1.76
N LYS A 255 -8.18 43.86 -1.74
CA LYS A 255 -7.36 44.52 -2.73
C LYS A 255 -7.75 44.03 -4.12
N LEU A 256 -7.97 42.73 -4.26
CA LEU A 256 -8.34 42.11 -5.55
C LEU A 256 -9.67 42.62 -6.07
N LYS A 257 -10.65 42.76 -5.17
CA LYS A 257 -11.95 43.35 -5.50
C LYS A 257 -11.82 44.81 -5.91
N HIS A 258 -10.95 45.54 -5.25
CA HIS A 258 -10.69 46.91 -5.67
C HIS A 258 -10.09 46.95 -7.09
N LEU A 259 -9.28 45.95 -7.43
CA LEU A 259 -8.66 45.91 -8.74
C LEU A 259 -9.74 45.62 -9.79
N SER A 260 -10.63 44.70 -9.44
CA SER A 260 -11.83 44.36 -10.22
C SER A 260 -12.61 45.59 -10.67
N GLN A 261 -12.95 46.48 -9.72
CA GLN A 261 -13.66 47.73 -10.01
C GLN A 261 -12.81 48.66 -10.89
N THR A 262 -11.53 48.76 -10.58
CA THR A 262 -10.58 49.56 -11.34
C THR A 262 -10.46 49.12 -12.79
N LEU A 263 -10.10 47.85 -13.02
CA LEU A 263 -10.07 47.23 -14.36
C LEU A 263 -11.28 46.26 -14.56
N PRO A 264 -12.52 46.82 -14.69
CA PRO A 264 -13.75 46.00 -14.62
C PRO A 264 -14.08 45.28 -15.93
N GLU A 265 -13.10 45.18 -16.83
CA GLU A 265 -13.28 44.50 -18.11
C GLU A 265 -12.32 43.31 -18.30
N SER A 266 -11.76 42.79 -17.20
CA SER A 266 -11.22 41.44 -17.24
C SER A 266 -12.22 40.56 -16.53
N GLU A 267 -13.14 40.02 -17.32
CA GLU A 267 -14.10 39.03 -16.85
C GLU A 267 -13.35 37.81 -16.29
N GLN A 268 -12.19 37.47 -16.85
CA GLN A 268 -11.39 36.38 -16.31
C GLN A 268 -10.83 36.66 -14.90
N PHE A 269 -10.24 37.85 -14.74
CA PHE A 269 -9.85 38.34 -13.42
C PHE A 269 -11.00 38.26 -12.40
N ASN A 270 -12.15 38.84 -12.74
CA ASN A 270 -13.31 38.78 -11.85
C ASN A 270 -13.75 37.37 -11.48
N LEU A 271 -13.82 36.47 -12.46
CA LEU A 271 -14.13 35.08 -12.20
C LEU A 271 -13.14 34.44 -11.24
N GLY A 272 -11.85 34.72 -11.44
CA GLY A 272 -10.80 34.17 -10.60
C GLY A 272 -10.97 34.59 -9.15
N VAL A 273 -11.17 35.91 -8.95
CA VAL A 273 -11.34 36.51 -7.63
C VAL A 273 -12.53 35.83 -6.94
N SER A 274 -13.67 35.80 -7.65
CA SER A 274 -14.86 35.11 -7.20
C SER A 274 -14.55 33.69 -6.77
N GLU A 275 -13.88 32.93 -7.64
CA GLU A 275 -13.53 31.54 -7.34
C GLU A 275 -12.65 31.37 -6.10
N LEU A 276 -11.67 32.24 -5.97
CA LEU A 276 -10.75 32.24 -4.86
C LEU A 276 -11.52 32.51 -3.58
N GLU A 277 -12.43 33.49 -3.61
CA GLU A 277 -13.27 33.73 -2.42
C GLU A 277 -14.18 32.55 -2.08
N THR A 278 -14.76 31.88 -3.08
CA THR A 278 -15.51 30.67 -2.78
C THR A 278 -14.64 29.62 -2.06
N VAL A 279 -13.43 29.36 -2.57
CA VAL A 279 -12.54 28.37 -1.94
C VAL A 279 -12.11 28.71 -0.49
N ILE A 280 -11.70 29.96 -0.27
CA ILE A 280 -11.31 30.42 1.06
C ILE A 280 -12.45 30.23 2.08
N THR A 281 -13.65 30.69 1.73
CA THR A 281 -14.79 30.58 2.64
C THR A 281 -15.04 29.10 2.99
N GLY A 282 -14.98 28.24 1.98
CA GLY A 282 -15.11 26.80 2.18
C GLY A 282 -14.04 26.22 3.10
N VAL A 283 -12.80 26.67 2.91
CA VAL A 283 -11.69 26.26 3.72
C VAL A 283 -11.99 26.61 5.19
N ARG A 284 -12.52 27.81 5.39
CA ARG A 284 -12.81 28.32 6.72
C ARG A 284 -13.93 27.53 7.38
N ASN A 285 -15.00 27.29 6.63
CA ASN A 285 -16.14 26.52 7.13
C ASN A 285 -15.74 25.08 7.45
N LEU A 286 -14.73 24.54 6.74
CA LEU A 286 -14.17 23.21 7.05
C LEU A 286 -13.33 23.19 8.33
N GLY A 287 -13.25 24.37 8.97
CA GLY A 287 -12.60 24.54 10.26
C GLY A 287 -11.09 24.63 10.19
N VAL A 288 -10.54 24.81 8.99
CA VAL A 288 -9.12 25.05 8.84
C VAL A 288 -8.79 26.45 9.40
N PRO A 289 -7.91 26.52 10.40
CA PRO A 289 -7.68 27.88 10.91
C PRO A 289 -6.84 28.75 9.96
N ASP A 290 -6.95 30.06 10.11
CA ASP A 290 -6.29 31.00 9.23
C ASP A 290 -4.78 30.82 9.23
N LYS A 291 -4.21 30.44 10.38
CA LYS A 291 -2.78 30.22 10.44
C LYS A 291 -2.25 29.18 9.42
N ARG A 292 -3.12 28.25 9.00
CA ARG A 292 -2.72 27.16 8.10
C ARG A 292 -2.71 27.50 6.59
N PHE A 293 -3.22 28.67 6.22
CA PHE A 293 -3.25 29.01 4.79
C PHE A 293 -3.08 30.51 4.59
N CYS A 294 -2.69 30.89 3.37
CA CYS A 294 -2.63 32.28 2.94
C CYS A 294 -2.79 32.32 1.40
N ILE A 295 -3.01 33.51 0.85
CA ILE A 295 -3.10 33.69 -0.59
C ILE A 295 -1.74 34.13 -1.11
N ASP A 296 -1.27 33.40 -2.12
CA ASP A 296 0.00 33.67 -2.73
C ASP A 296 -0.26 33.89 -4.21
N LEU A 297 -0.40 35.15 -4.59
CA LEU A 297 -0.67 35.51 -5.98
C LEU A 297 0.47 35.17 -6.96
N ALA A 298 1.61 34.77 -6.42
CA ALA A 298 2.75 34.33 -7.23
C ALA A 298 2.80 32.82 -7.55
N ILE A 299 1.94 31.98 -6.96
CA ILE A 299 1.94 30.56 -7.32
C ILE A 299 1.68 30.46 -8.82
N ALA A 300 2.73 30.10 -9.55
CA ALA A 300 2.68 29.92 -11.00
C ALA A 300 3.09 28.48 -11.33
N ARG A 301 2.22 27.53 -10.96
CA ARG A 301 2.55 26.11 -10.97
C ARG A 301 2.66 25.48 -12.34
N GLY A 302 1.53 25.06 -12.91
CA GLY A 302 1.56 24.32 -14.17
C GLY A 302 1.20 25.21 -15.33
N LEU A 303 2.09 25.28 -16.33
CA LEU A 303 1.90 26.12 -17.51
C LEU A 303 0.51 25.98 -18.17
N ASN A 304 0.25 24.81 -18.75
CA ASN A 304 -0.94 24.59 -19.60
C ASN A 304 -2.04 23.78 -18.92
N TYR A 305 -1.75 23.24 -17.74
CA TYR A 305 -2.69 22.33 -17.06
C TYR A 305 -3.76 23.05 -16.23
N TYR A 306 -3.31 23.76 -15.19
CA TYR A 306 -4.19 24.34 -14.18
C TYR A 306 -5.03 25.53 -14.69
N THR A 307 -6.28 25.58 -14.26
CA THR A 307 -7.24 26.57 -14.76
C THR A 307 -7.89 27.35 -13.63
N GLY A 308 -7.71 26.87 -12.41
CA GLY A 308 -8.41 27.41 -11.25
C GLY A 308 -7.54 27.43 -10.01
N THR A 309 -8.09 26.93 -8.90
CA THR A 309 -7.37 26.92 -7.65
C THR A 309 -6.02 26.22 -7.80
N VAL A 310 -4.97 26.79 -7.21
CA VAL A 310 -3.68 26.11 -7.10
C VAL A 310 -3.16 26.16 -5.66
N TYR A 311 -2.42 25.11 -5.27
CA TYR A 311 -1.94 25.01 -3.90
C TYR A 311 -0.47 24.69 -3.92
N GLU A 312 0.22 25.17 -2.91
CA GLU A 312 1.56 24.72 -2.57
C GLU A 312 1.70 24.81 -1.06
N THR A 313 2.46 23.91 -0.46
CA THR A 313 2.49 23.81 1.00
C THR A 313 3.91 23.93 1.53
N THR A 314 4.12 24.91 2.39
CA THR A 314 5.46 25.22 2.90
C THR A 314 5.63 24.72 4.34
N LEU A 315 6.72 24.00 4.62
CA LEU A 315 7.05 23.67 6.02
C LEU A 315 7.78 24.87 6.63
N ILE A 316 7.15 25.48 7.63
CA ILE A 316 7.68 26.71 8.21
C ILE A 316 9.12 26.48 8.64
N GLY A 317 10.03 27.31 8.13
CA GLY A 317 11.43 27.16 8.47
C GLY A 317 12.18 26.14 7.63
N HIS A 318 11.48 25.53 6.67
CA HIS A 318 12.11 24.60 5.75
C HIS A 318 11.70 24.83 4.30
N GLU A 319 11.83 26.05 3.84
CA GLU A 319 11.55 26.33 2.42
C GLU A 319 12.57 25.65 1.48
N ALA A 320 13.76 25.35 1.98
CA ALA A 320 14.76 24.61 1.23
C ALA A 320 14.23 23.26 0.66
N LEU A 321 13.23 22.68 1.34
CA LEU A 321 12.60 21.44 0.86
C LEU A 321 11.60 21.66 -0.28
N GLY A 322 11.14 22.89 -0.48
CA GLY A 322 10.14 23.18 -1.49
C GLY A 322 8.75 22.80 -1.01
N SER A 323 7.78 22.80 -1.93
CA SER A 323 6.42 22.41 -1.61
C SER A 323 6.35 20.96 -1.13
N ILE A 324 5.60 20.69 -0.08
CA ILE A 324 5.50 19.32 0.41
C ILE A 324 4.22 18.70 -0.10
N CYS A 325 3.39 19.50 -0.76
CA CYS A 325 2.13 19.06 -1.34
C CYS A 325 1.56 20.14 -2.26
N SER A 326 1.46 19.82 -3.55
CA SER A 326 0.97 20.77 -4.55
C SER A 326 -0.19 20.20 -5.32
N GLY A 327 -0.77 21.03 -6.18
CA GLY A 327 -1.87 20.61 -7.02
C GLY A 327 -2.76 21.75 -7.41
N GLY A 328 -3.94 21.43 -7.90
CA GLY A 328 -4.82 22.46 -8.41
C GLY A 328 -5.95 21.91 -9.23
N ARG A 329 -6.74 22.83 -9.77
CA ARG A 329 -7.84 22.51 -10.63
C ARG A 329 -7.35 22.54 -12.07
N TYR A 330 -7.81 21.57 -12.86
CA TYR A 330 -7.49 21.46 -14.28
C TYR A 330 -8.78 21.20 -15.06
N GLU A 331 -9.08 22.04 -16.04
CA GLU A 331 -10.35 21.97 -16.77
C GLU A 331 -10.32 21.04 -17.95
N GLU A 332 -9.14 20.80 -18.54
CA GLU A 332 -9.07 19.96 -19.75
C GLU A 332 -7.81 19.10 -19.85
N LEU A 333 -7.55 18.29 -18.82
CA LEU A 333 -6.40 17.40 -18.83
C LEU A 333 -6.79 15.92 -18.79
N VAL A 334 -8.00 15.63 -18.28
CA VAL A 334 -8.42 14.24 -18.08
C VAL A 334 -9.31 13.74 -19.22
N GLY A 335 -9.80 14.65 -20.05
CA GLY A 335 -10.60 14.29 -21.23
C GLY A 335 -9.81 13.57 -22.32
N THR A 336 -8.50 13.44 -22.11
CA THR A 336 -7.56 12.88 -23.10
C THR A 336 -8.18 11.89 -24.09
N PHE A 337 -8.87 10.88 -23.58
CA PHE A 337 -9.52 9.88 -24.44
C PHE A 337 -11.04 9.99 -24.41
N ILE A 338 -11.54 10.90 -23.58
CA ILE A 338 -12.98 10.98 -23.32
C ILE A 338 -13.70 11.73 -24.44
N GLY A 339 -13.19 12.92 -24.76
CA GLY A 339 -13.84 13.80 -25.73
C GLY A 339 -14.89 14.67 -25.06
N GLU A 340 -15.10 14.43 -23.77
CA GLU A 340 -15.98 15.27 -22.96
C GLU A 340 -15.12 16.25 -22.18
N LYS A 341 -15.68 17.39 -21.82
CA LYS A 341 -14.98 18.29 -20.93
C LYS A 341 -15.12 17.77 -19.51
N MSE A 342 -14.00 17.39 -18.89
CA MSE A 342 -14.02 16.70 -17.59
C MSE A 342 -13.16 17.43 -16.55
O MSE A 342 -12.02 17.03 -16.29
CB MSE A 342 -13.51 15.27 -17.76
CG MSE A 342 -14.36 14.42 -18.70
SE MSE A 342 -15.10 12.86 -17.82
CE MSE A 342 -13.38 12.05 -17.39
N PRO A 343 -13.70 18.51 -15.93
CA PRO A 343 -12.89 19.24 -14.97
C PRO A 343 -12.47 18.38 -13.77
N GLY A 344 -11.24 18.60 -13.30
CA GLY A 344 -10.71 17.88 -12.18
C GLY A 344 -9.99 18.80 -11.21
N VAL A 345 -9.84 18.32 -9.98
CA VAL A 345 -8.92 18.95 -9.05
C VAL A 345 -8.20 17.88 -8.23
N GLY A 346 -6.90 18.04 -8.08
CA GLY A 346 -6.09 17.10 -7.34
C GLY A 346 -4.91 17.75 -6.63
N ILE A 347 -4.36 17.01 -5.68
CA ILE A 347 -3.13 17.35 -4.99
C ILE A 347 -2.24 16.12 -4.91
N SER A 348 -0.94 16.34 -4.69
CA SER A 348 0.03 15.27 -4.80
C SER A 348 1.13 15.41 -3.79
N ILE A 349 1.56 14.27 -3.23
CA ILE A 349 2.67 14.21 -2.31
C ILE A 349 3.71 13.27 -2.88
N GLY A 350 4.89 13.80 -3.19
CA GLY A 350 5.98 12.97 -3.71
C GLY A 350 6.65 12.28 -2.54
N LEU A 351 6.10 11.15 -2.12
CA LEU A 351 6.42 10.58 -0.82
C LEU A 351 7.86 10.07 -0.71
N THR A 352 8.39 9.51 -1.80
CA THR A 352 9.76 9.01 -1.78
C THR A 352 10.74 10.16 -1.54
N ARG A 353 10.59 11.24 -2.32
CA ARG A 353 11.47 12.40 -2.23
C ARG A 353 11.36 13.01 -0.85
N LEU A 354 10.13 13.18 -0.38
CA LEU A 354 9.87 13.84 0.89
C LEU A 354 10.49 13.06 2.05
N ILE A 355 10.46 11.73 1.96
CA ILE A 355 11.09 10.89 2.97
C ILE A 355 12.61 11.10 2.99
N SER A 356 13.26 11.05 1.82
CA SER A 356 14.70 11.28 1.76
C SER A 356 15.04 12.66 2.35
N ARG A 357 14.27 13.68 1.95
CA ARG A 357 14.48 15.04 2.42
C ARG A 357 14.25 15.19 3.92
N LEU A 358 13.08 14.79 4.40
CA LEU A 358 12.79 14.89 5.84
C LEU A 358 13.80 14.13 6.69
N LEU A 359 14.26 12.99 6.19
CA LEU A 359 15.28 12.20 6.88
C LEU A 359 16.66 12.86 6.88
N LYS A 360 17.07 13.39 5.73
CA LYS A 360 18.35 14.09 5.64
C LYS A 360 18.38 15.32 6.54
N ALA A 361 17.23 15.97 6.72
CA ALA A 361 17.13 17.22 7.49
C ALA A 361 16.92 17.01 9.01
N GLY A 362 16.70 15.77 9.41
CA GLY A 362 16.43 15.46 10.81
C GLY A 362 15.02 15.77 11.30
N ILE A 363 14.10 16.12 10.39
CA ILE A 363 12.71 16.43 10.78
C ILE A 363 11.98 15.16 11.19
N LEU A 364 12.28 14.05 10.50
CA LEU A 364 11.60 12.80 10.72
C LEU A 364 12.49 11.75 11.38
N ASN A 365 11.91 11.03 12.33
CA ASN A 365 12.58 9.89 12.97
C ASN A 365 12.14 8.57 12.35
N THR A 366 13.07 7.64 12.21
CA THR A 366 12.77 6.32 11.66
C THR A 366 12.01 5.46 12.66
N LEU A 367 11.58 4.28 12.23
CA LEU A 367 10.93 3.35 13.14
C LEU A 367 11.84 2.16 13.43
N PRO A 368 11.55 1.39 14.51
CA PRO A 368 12.27 0.15 14.72
C PRO A 368 12.25 -0.77 13.49
N PRO A 369 13.34 -1.53 13.27
CA PRO A 369 13.40 -2.43 12.11
C PRO A 369 12.35 -3.54 12.13
N THR A 370 11.64 -3.67 13.24
CA THR A 370 10.66 -4.74 13.37
C THR A 370 9.33 -4.23 13.93
N PRO A 371 8.20 -4.78 13.43
CA PRO A 371 6.87 -4.41 13.94
C PRO A 371 6.55 -5.12 15.25
N ALA A 372 7.40 -6.04 15.65
CA ALA A 372 7.27 -6.75 16.93
C ALA A 372 7.37 -5.81 18.12
N GLN A 373 6.64 -6.16 19.18
CA GLN A 373 6.61 -5.36 20.40
C GLN A 373 7.06 -6.20 21.60
N VAL A 374 7.07 -7.52 21.41
CA VAL A 374 7.32 -8.49 22.48
C VAL A 374 8.16 -9.68 22.00
N VAL A 375 9.06 -10.16 22.87
CA VAL A 375 9.82 -11.37 22.58
C VAL A 375 9.65 -12.39 23.71
N VAL A 376 9.17 -13.58 23.36
CA VAL A 376 9.13 -14.68 24.30
C VAL A 376 10.49 -15.39 24.23
N VAL A 377 11.33 -15.13 25.24
CA VAL A 377 12.67 -15.72 25.31
C VAL A 377 12.66 -17.23 25.50
N ASN A 378 13.78 -17.87 25.16
CA ASN A 378 13.93 -19.31 25.35
C ASN A 378 14.84 -19.63 26.56
N MSE A 379 14.20 -20.07 27.64
CA MSE A 379 14.90 -20.43 28.88
C MSE A 379 15.28 -21.90 28.90
O MSE A 379 16.45 -22.24 29.05
CB MSE A 379 14.05 -20.07 30.10
CG MSE A 379 13.88 -18.58 30.32
SE MSE A 379 15.61 -17.73 30.58
CE MSE A 379 16.10 -18.56 32.28
N GLN A 380 14.27 -22.77 28.76
CA GLN A 380 14.47 -24.22 28.72
C GLN A 380 13.64 -24.81 27.59
N ASP A 381 14.29 -25.61 26.75
CA ASP A 381 13.67 -26.20 25.55
C ASP A 381 12.47 -27.11 25.82
N GLU A 382 12.34 -27.59 27.06
CA GLU A 382 11.17 -28.39 27.45
C GLU A 382 9.92 -27.51 27.60
N LEU A 383 10.13 -26.19 27.56
CA LEU A 383 9.04 -25.22 27.75
C LEU A 383 8.54 -24.54 26.46
N MSE A 384 8.98 -25.04 25.31
CA MSE A 384 8.42 -24.59 24.02
C MSE A 384 6.89 -24.56 24.02
O MSE A 384 6.32 -23.51 23.81
CB MSE A 384 8.92 -25.45 22.84
CG MSE A 384 9.87 -24.76 21.85
SE MSE A 384 9.42 -22.93 21.35
CE MSE A 384 10.94 -22.04 22.20
N PRO A 385 6.22 -25.72 24.29
CA PRO A 385 4.74 -25.69 24.21
C PRO A 385 4.12 -24.52 24.95
N THR A 386 4.78 -24.10 26.02
CA THR A 386 4.31 -22.97 26.83
C THR A 386 4.66 -21.66 26.15
N TYR A 387 5.87 -21.54 25.62
CA TYR A 387 6.26 -20.30 24.92
C TYR A 387 5.35 -20.08 23.71
N LEU A 388 5.16 -21.14 22.93
CA LEU A 388 4.32 -21.07 21.74
C LEU A 388 2.89 -20.67 22.06
N LYS A 389 2.33 -21.26 23.11
CA LYS A 389 0.96 -20.94 23.56
C LYS A 389 0.81 -19.50 24.03
N VAL A 390 1.78 -19.04 24.82
CA VAL A 390 1.73 -17.68 25.35
C VAL A 390 1.96 -16.64 24.24
N SER A 391 2.71 -17.00 23.20
CA SER A 391 2.90 -16.15 22.02
C SER A 391 1.57 -15.94 21.31
N GLN A 392 0.90 -17.05 20.97
CA GLN A 392 -0.41 -17.00 20.31
C GLN A 392 -1.46 -16.24 21.10
N GLN A 393 -1.45 -16.42 22.42
CA GLN A 393 -2.35 -15.71 23.34
C GLN A 393 -2.09 -14.21 23.33
N LEU A 394 -0.82 -13.81 23.47
CA LEU A 394 -0.42 -12.42 23.31
C LEU A 394 -0.84 -11.90 21.93
N ARG A 395 -0.63 -12.73 20.90
CA ARG A 395 -1.02 -12.39 19.53
C ARG A 395 -2.53 -12.24 19.38
N GLN A 396 -3.30 -13.14 20.02
CA GLN A 396 -4.75 -13.03 20.03
C GLN A 396 -5.23 -11.74 20.72
N ALA A 397 -4.42 -11.21 21.64
CA ALA A 397 -4.69 -9.94 22.28
C ALA A 397 -4.30 -8.73 21.40
N GLY A 398 -3.83 -9.01 20.18
CA GLY A 398 -3.49 -7.96 19.21
C GLY A 398 -2.09 -7.37 19.31
N LEU A 399 -1.19 -8.09 19.98
CA LEU A 399 0.20 -7.68 20.06
C LEU A 399 1.02 -8.42 19.00
N ASN A 400 2.09 -7.79 18.54
CA ASN A 400 3.06 -8.44 17.65
C ASN A 400 4.14 -9.12 18.48
N VAL A 401 4.40 -10.39 18.17
CA VAL A 401 5.26 -11.25 19.02
C VAL A 401 6.24 -12.14 18.24
N ILE A 402 7.49 -12.12 18.65
CA ILE A 402 8.48 -13.04 18.13
C ILE A 402 8.82 -14.07 19.21
N THR A 403 8.59 -15.33 18.88
CA THR A 403 9.03 -16.38 19.76
C THR A 403 10.47 -16.70 19.38
N ASN A 404 11.35 -16.54 20.36
CA ASN A 404 12.76 -16.90 20.23
C ASN A 404 12.91 -18.40 20.37
N PHE A 405 13.40 -19.04 19.31
CA PHE A 405 13.60 -20.49 19.33
C PHE A 405 15.02 -20.85 19.80
N GLU A 406 16.05 -20.38 19.11
CA GLU A 406 17.44 -20.60 19.51
C GLU A 406 17.63 -20.29 21.01
N LYS A 407 18.31 -21.19 21.73
CA LYS A 407 18.47 -21.06 23.19
C LYS A 407 19.85 -20.56 23.63
N ARG A 408 19.89 -19.31 24.06
CA ARG A 408 21.10 -18.71 24.64
C ARG A 408 20.70 -18.15 26.00
N GLN A 409 21.69 -17.72 26.79
CA GLN A 409 21.42 -17.21 28.13
C GLN A 409 20.65 -15.87 28.10
N LEU A 410 19.92 -15.60 29.18
CA LEU A 410 19.06 -14.42 29.31
C LEU A 410 19.64 -13.17 28.61
N GLY A 411 20.86 -12.82 29.00
CA GLY A 411 21.53 -11.60 28.56
C GLY A 411 21.57 -11.37 27.06
N LYS A 412 22.12 -12.33 26.32
CA LYS A 412 22.26 -12.23 24.87
C LYS A 412 20.94 -11.98 24.15
N GLN A 413 19.86 -12.54 24.70
CA GLN A 413 18.53 -12.40 24.10
C GLN A 413 17.95 -11.00 24.31
N PHE A 414 18.23 -10.41 25.47
CA PHE A 414 17.83 -9.02 25.75
C PHE A 414 18.50 -8.10 24.73
N GLN A 415 19.81 -8.28 24.55
CA GLN A 415 20.64 -7.41 23.72
C GLN A 415 20.31 -7.48 22.24
N ALA A 416 20.00 -8.68 21.75
CA ALA A 416 19.63 -8.87 20.33
C ALA A 416 18.30 -8.22 20.05
N ALA A 417 17.40 -8.28 21.04
CA ALA A 417 16.07 -7.69 20.97
C ALA A 417 16.13 -6.17 21.07
N ASP A 418 16.96 -5.67 21.98
CA ASP A 418 17.10 -4.23 22.20
C ASP A 418 17.75 -3.54 21.00
N LYS A 419 18.64 -4.26 20.32
CA LYS A 419 19.25 -3.81 19.07
C LYS A 419 18.19 -3.59 17.99
N GLN A 420 17.12 -4.37 18.07
CA GLN A 420 16.02 -4.28 17.11
C GLN A 420 14.93 -3.32 17.53
N GLY A 421 14.98 -2.86 18.78
CA GLY A 421 14.02 -1.89 19.28
C GLY A 421 12.72 -2.50 19.76
N ILE A 422 12.71 -3.83 19.93
CA ILE A 422 11.62 -4.51 20.61
C ILE A 422 11.64 -4.08 22.07
N ARG A 423 10.51 -3.58 22.56
CA ARG A 423 10.41 -3.06 23.92
C ARG A 423 10.36 -4.15 25.00
N PHE A 424 9.53 -5.16 24.78
CA PHE A 424 9.20 -6.13 25.84
C PHE A 424 9.82 -7.52 25.66
N CYS A 425 10.31 -8.07 26.77
CA CYS A 425 10.70 -9.47 26.81
C CYS A 425 9.88 -10.21 27.85
N VAL A 426 9.32 -11.35 27.45
CA VAL A 426 8.62 -12.25 28.35
C VAL A 426 9.60 -13.33 28.79
N ILE A 427 9.84 -13.40 30.10
CA ILE A 427 10.74 -14.41 30.64
C ILE A 427 9.91 -15.41 31.43
N ILE A 428 9.86 -16.64 30.91
CA ILE A 428 9.21 -17.74 31.60
C ILE A 428 10.27 -18.80 31.85
N GLY A 429 10.80 -18.82 33.07
CA GLY A 429 11.93 -19.68 33.43
C GLY A 429 11.52 -21.03 33.97
N ALA A 430 12.35 -21.57 34.85
CA ALA A 430 12.09 -22.86 35.48
C ALA A 430 10.87 -22.80 36.41
N ASP A 431 11.07 -22.24 37.59
CA ASP A 431 10.01 -22.15 38.61
C ASP A 431 8.94 -21.09 38.28
N GLU A 432 9.30 -20.12 37.45
CA GLU A 432 8.36 -19.07 37.00
C GLU A 432 7.22 -19.66 36.18
N ALA A 433 7.51 -20.72 35.44
CA ALA A 433 6.51 -21.42 34.61
C ALA A 433 5.46 -22.17 35.44
N ALA A 434 5.87 -22.63 36.62
CA ALA A 434 5.04 -23.49 37.47
C ALA A 434 3.75 -22.83 37.98
N ALA A 435 3.89 -21.64 38.56
CA ALA A 435 2.76 -20.94 39.17
C ALA A 435 1.97 -20.08 38.18
N GLN A 436 2.04 -20.44 36.89
CA GLN A 436 1.35 -19.72 35.81
C GLN A 436 1.80 -18.27 35.77
N LYS A 437 3.11 -18.05 35.87
CA LYS A 437 3.68 -16.70 36.05
C LYS A 437 4.80 -16.39 35.06
N SER A 438 5.14 -15.12 34.94
CA SER A 438 6.29 -14.67 34.16
C SER A 438 6.87 -13.39 34.73
N SER A 439 8.11 -13.11 34.40
CA SER A 439 8.69 -11.79 34.60
C SER A 439 8.79 -11.13 33.23
N LEU A 440 8.40 -9.86 33.15
CA LEU A 440 8.54 -9.12 31.90
C LEU A 440 9.56 -7.98 32.04
N LYS A 441 10.47 -7.89 31.07
CA LYS A 441 11.49 -6.84 31.06
C LYS A 441 11.19 -5.78 30.01
N ASP A 442 10.82 -4.59 30.50
CA ASP A 442 10.65 -3.41 29.65
C ASP A 442 12.06 -2.86 29.41
N LEU A 443 12.46 -2.77 28.14
CA LEU A 443 13.83 -2.40 27.79
C LEU A 443 14.06 -0.88 27.60
N GLN A 444 12.97 -0.11 27.64
CA GLN A 444 13.05 1.35 27.70
C GLN A 444 13.23 1.79 29.14
N SER A 445 12.38 1.27 30.03
CA SER A 445 12.46 1.57 31.46
C SER A 445 13.61 0.81 32.14
N GLY A 446 14.07 -0.25 31.50
CA GLY A 446 15.10 -1.16 32.03
C GLY A 446 14.60 -1.92 33.26
N GLU A 447 13.29 -1.98 33.42
CA GLU A 447 12.67 -2.54 34.62
C GLU A 447 12.04 -3.91 34.41
N GLN A 448 12.07 -4.74 35.45
CA GLN A 448 11.42 -6.05 35.44
C GLN A 448 10.28 -6.10 36.44
N VAL A 449 9.17 -6.71 36.02
CA VAL A 449 7.96 -6.82 36.85
C VAL A 449 7.42 -8.25 36.72
N GLU A 450 6.94 -8.80 37.83
CA GLU A 450 6.36 -10.14 37.84
C GLU A 450 4.86 -10.12 37.55
N VAL A 451 4.47 -10.65 36.39
CA VAL A 451 3.07 -10.69 35.95
C VAL A 451 2.74 -12.03 35.29
N ALA A 452 1.64 -12.64 35.71
CA ALA A 452 1.17 -13.93 35.21
C ALA A 452 1.04 -13.99 33.69
N ALA A 454 -1.85 -14.68 32.82
CA ALA A 454 -3.25 -14.32 32.65
C ALA A 454 -3.43 -12.81 32.50
N ASP A 455 -2.56 -12.03 33.14
CA ASP A 455 -2.66 -10.56 33.12
C ASP A 455 -1.70 -9.92 32.12
N LEU A 456 -0.67 -10.66 31.73
CA LEU A 456 0.45 -10.16 30.91
C LEU A 456 0.01 -9.22 29.78
N ALA A 457 -0.80 -9.73 28.86
CA ALA A 457 -1.28 -8.97 27.70
C ALA A 457 -1.90 -7.63 28.05
N GLU A 458 -2.65 -7.59 29.15
CA GLU A 458 -3.29 -6.35 29.61
C GLU A 458 -2.29 -5.33 30.17
N GLU A 459 -1.31 -5.82 30.94
CA GLU A 459 -0.28 -4.96 31.54
C GLU A 459 0.83 -4.56 30.56
N ILE A 460 0.97 -5.31 29.47
CA ILE A 460 1.85 -4.91 28.37
C ILE A 460 1.23 -3.75 27.60
N LYS A 461 -0.04 -3.89 27.22
CA LYS A 461 -0.77 -2.83 26.54
C LYS A 461 -0.91 -1.58 27.43
N ARG A 462 -1.16 -1.81 28.71
CA ARG A 462 -1.28 -0.74 29.71
C ARG A 462 -0.04 0.16 29.74
N ARG A 463 1.14 -0.46 29.68
CA ARG A 463 2.41 0.27 29.72
C ARG A 463 2.97 0.58 28.33
N LEU A 464 2.08 0.62 27.33
CA LEU A 464 2.50 0.79 25.93
C LEU A 464 1.76 1.93 25.22
N ASN B 11 -6.62 3.85 -28.78
CA ASN B 11 -6.96 2.61 -28.03
C ASN B 11 -6.50 2.70 -26.56
N PHE B 12 -7.37 3.29 -25.73
CA PHE B 12 -7.09 3.56 -24.31
C PHE B 12 -7.00 2.30 -23.43
N SER B 13 -7.14 1.15 -24.08
CA SER B 13 -7.13 -0.16 -23.43
C SER B 13 -5.84 -0.42 -22.63
N THR B 14 -5.96 -1.30 -21.65
CA THR B 14 -4.79 -1.77 -20.91
C THR B 14 -4.03 -2.71 -21.85
N PRO B 15 -2.68 -2.71 -21.79
CA PRO B 15 -1.96 -3.69 -22.59
C PRO B 15 -2.37 -5.11 -22.19
N SER B 16 -2.40 -6.01 -23.17
CA SER B 16 -2.87 -7.37 -22.96
C SER B 16 -2.15 -8.07 -21.81
N GLY B 17 -2.93 -8.68 -20.93
CA GLY B 17 -2.40 -9.47 -19.83
C GLY B 17 -2.10 -8.67 -18.57
N PHE B 18 -2.31 -7.36 -18.64
CA PHE B 18 -2.11 -6.50 -17.48
C PHE B 18 -3.48 -6.13 -16.89
N PRO B 19 -3.94 -6.88 -15.86
CA PRO B 19 -5.28 -6.61 -15.33
C PRO B 19 -5.36 -5.32 -14.48
N GLU B 20 -6.58 -4.97 -14.09
CA GLU B 20 -6.89 -3.71 -13.41
C GLU B 20 -8.28 -3.77 -12.76
N PHE B 21 -8.32 -3.51 -11.46
CA PHE B 21 -9.55 -3.57 -10.69
C PHE B 21 -10.39 -2.31 -10.79
N LEU B 22 -11.72 -2.50 -10.83
CA LEU B 22 -12.68 -1.46 -10.54
C LEU B 22 -12.60 -1.11 -9.05
N PRO B 23 -13.07 0.11 -8.66
CA PRO B 23 -12.92 0.53 -7.26
C PRO B 23 -13.38 -0.54 -6.27
N SER B 24 -14.54 -1.16 -6.51
CA SER B 24 -15.06 -2.25 -5.70
C SER B 24 -13.98 -3.31 -5.46
N GLU B 25 -13.33 -3.73 -6.55
CA GLU B 25 -12.42 -4.85 -6.50
C GLU B 25 -11.09 -4.48 -5.89
N LYS B 26 -10.66 -3.24 -6.10
CA LYS B 26 -9.42 -2.76 -5.51
C LYS B 26 -9.56 -2.61 -4.00
N ARG B 27 -10.74 -2.21 -3.54
CA ARG B 27 -10.99 -2.08 -2.12
C ARG B 27 -10.97 -3.45 -1.45
N LEU B 28 -11.45 -4.46 -2.18
CA LEU B 28 -11.34 -5.86 -1.77
C LEU B 28 -9.88 -6.29 -1.63
N GLU B 29 -9.06 -6.02 -2.65
CA GLU B 29 -7.64 -6.31 -2.61
C GLU B 29 -6.96 -5.62 -1.42
N LEU B 30 -7.26 -4.35 -1.21
CA LEU B 30 -6.69 -3.59 -0.08
C LEU B 30 -7.07 -4.20 1.26
N TYR B 31 -8.34 -4.60 1.39
CA TYR B 31 -8.83 -5.26 2.59
C TYR B 31 -8.14 -6.61 2.83
N LEU B 32 -7.92 -7.39 1.77
CA LEU B 32 -7.18 -8.63 1.91
C LEU B 32 -5.71 -8.38 2.24
N LEU B 33 -5.12 -7.37 1.59
CA LEU B 33 -3.75 -6.97 1.86
C LEU B 33 -3.58 -6.52 3.30
N ASP B 34 -4.52 -5.71 3.82
CA ASP B 34 -4.49 -5.27 5.22
C ASP B 34 -4.48 -6.50 6.14
N THR B 35 -5.45 -7.40 5.92
CA THR B 35 -5.57 -8.65 6.66
C THR B 35 -4.30 -9.49 6.70
N ILE B 36 -3.72 -9.73 5.52
CA ILE B 36 -2.52 -10.54 5.40
C ILE B 36 -1.38 -9.87 6.16
N ARG B 37 -1.23 -8.56 5.95
CA ARG B 37 -0.23 -7.76 6.64
C ARG B 37 -0.36 -7.82 8.15
N ARG B 38 -1.59 -7.82 8.66
CA ARG B 38 -1.79 -7.91 10.10
C ARG B 38 -1.18 -9.22 10.65
N VAL B 39 -1.52 -10.34 10.00
CA VAL B 39 -1.05 -11.65 10.41
C VAL B 39 0.47 -11.77 10.24
N TYR B 40 0.99 -11.24 9.14
CA TYR B 40 2.42 -11.31 8.90
C TYR B 40 3.13 -10.61 10.03
N GLU B 41 2.65 -9.43 10.37
CA GLU B 41 3.28 -8.64 11.42
C GLU B 41 3.08 -9.20 12.84
N SER B 42 2.07 -10.04 13.01
CA SER B 42 1.76 -10.65 14.29
C SER B 42 2.91 -11.58 14.68
N TYR B 43 3.50 -12.20 13.66
CA TYR B 43 4.54 -13.20 13.83
C TYR B 43 5.93 -12.60 13.69
N GLY B 44 5.98 -11.28 13.53
CA GLY B 44 7.22 -10.53 13.58
C GLY B 44 7.82 -10.25 12.23
N PHE B 45 7.06 -10.49 11.17
CA PHE B 45 7.56 -10.26 9.81
C PHE B 45 7.60 -8.79 9.43
N THR B 46 8.76 -8.37 8.92
CA THR B 46 9.01 -6.97 8.62
C THR B 46 8.87 -6.69 7.11
N PRO B 47 8.39 -5.49 6.74
CA PRO B 47 8.24 -5.22 5.32
C PRO B 47 9.54 -4.81 4.62
N ILE B 48 9.69 -5.23 3.37
CA ILE B 48 10.66 -4.65 2.44
C ILE B 48 9.98 -4.43 1.09
N GLU B 49 10.42 -3.42 0.36
CA GLU B 49 9.94 -3.25 -1.00
C GLU B 49 11.16 -3.05 -1.87
N THR B 50 11.43 -4.00 -2.74
CA THR B 50 12.59 -3.89 -3.62
C THR B 50 12.12 -3.20 -4.89
N PRO B 51 13.05 -2.56 -5.64
CA PRO B 51 12.65 -1.86 -6.85
C PRO B 51 11.90 -2.74 -7.85
N ALA B 52 11.00 -2.14 -8.63
CA ALA B 52 10.38 -2.85 -9.74
C ALA B 52 11.43 -3.36 -10.73
N VAL B 53 12.50 -2.58 -10.90
CA VAL B 53 13.55 -2.83 -11.90
C VAL B 53 14.81 -3.38 -11.25
N GLU B 54 15.43 -4.34 -11.93
CA GLU B 54 16.70 -4.92 -11.47
C GLU B 54 17.71 -4.95 -12.61
N ARG B 55 18.99 -5.00 -12.23
CA ARG B 55 20.07 -5.21 -13.18
C ARG B 55 19.90 -6.58 -13.83
N LEU B 56 19.87 -6.61 -15.16
CA LEU B 56 19.72 -7.85 -15.92
C LEU B 56 20.66 -8.95 -15.38
N GLU B 57 21.89 -8.56 -15.06
CA GLU B 57 22.89 -9.49 -14.49
C GLU B 57 22.41 -10.14 -13.19
N VAL B 58 21.60 -9.41 -12.42
CA VAL B 58 20.99 -9.95 -11.21
C VAL B 58 19.87 -10.96 -11.54
N LEU B 59 18.99 -10.57 -12.47
CA LEU B 59 17.82 -11.37 -12.83
C LEU B 59 18.12 -12.68 -13.58
N GLN B 60 19.36 -12.84 -14.06
CA GLN B 60 19.75 -14.04 -14.82
C GLN B 60 20.81 -14.86 -14.13
N ALA B 61 21.61 -14.20 -13.29
CA ALA B 61 22.79 -14.79 -12.64
C ALA B 61 22.59 -16.25 -12.25
N LYS B 62 23.40 -17.12 -12.86
CA LYS B 62 23.31 -18.57 -12.69
C LYS B 62 21.89 -19.08 -12.94
N GLY B 63 21.50 -19.10 -14.21
CA GLY B 63 20.20 -19.61 -14.66
C GLY B 63 19.03 -19.19 -13.79
N ASN B 64 18.70 -17.91 -13.85
CA ASN B 64 17.61 -17.37 -13.04
C ASN B 64 16.41 -16.96 -13.90
N GLN B 65 16.68 -16.46 -15.11
CA GLN B 65 15.61 -15.99 -16.00
C GLN B 65 14.82 -17.15 -16.59
N ASP B 67 13.01 -20.06 -18.48
CA ASP B 67 11.70 -20.41 -19.02
C ASP B 67 10.71 -19.24 -18.92
N ASN B 68 11.10 -18.21 -18.17
CA ASN B 68 10.33 -16.96 -18.08
C ASN B 68 10.78 -15.93 -19.10
N ILE B 69 9.84 -15.48 -19.91
CA ILE B 69 10.04 -14.29 -20.73
C ILE B 69 9.97 -13.09 -19.78
N ILE B 70 11.04 -12.29 -19.76
CA ILE B 70 11.10 -11.12 -18.89
C ILE B 70 11.06 -9.82 -19.71
N TYR B 71 10.89 -8.69 -19.04
CA TYR B 71 10.75 -7.41 -19.74
C TYR B 71 11.95 -6.49 -19.58
N GLY B 72 12.73 -6.35 -20.65
CA GLY B 72 13.85 -5.41 -20.67
C GLY B 72 13.33 -4.00 -20.85
N LEU B 73 14.11 -3.01 -20.44
CA LEU B 73 13.72 -1.61 -20.53
C LEU B 73 14.62 -0.78 -21.45
N GLU B 74 14.01 -0.10 -22.42
CA GLU B 74 14.74 0.83 -23.29
C GLU B 74 14.20 2.25 -23.16
N PRO B 75 15.10 3.24 -22.95
CA PRO B 75 14.73 4.65 -22.81
C PRO B 75 14.15 5.25 -24.09
N ILE B 76 13.23 6.20 -23.90
CA ILE B 76 12.60 6.91 -25.00
C ILE B 76 12.63 8.40 -24.66
N LEU B 77 13.18 9.20 -25.57
CA LEU B 77 13.43 10.62 -25.33
C LEU B 77 12.30 11.50 -25.83
N GLU B 94 23.56 0.57 -19.36
CA GLU B 94 23.45 -0.50 -18.36
C GLU B 94 22.10 -1.22 -18.42
N ALA B 95 22.15 -2.53 -18.67
CA ALA B 95 20.96 -3.38 -18.89
C ALA B 95 20.06 -3.50 -17.66
N ARG B 96 18.74 -3.39 -17.89
CA ARG B 96 17.77 -3.37 -16.80
C ARG B 96 16.45 -4.07 -17.16
N ALA B 97 15.94 -4.86 -16.22
CA ALA B 97 14.68 -5.57 -16.43
C ALA B 97 13.80 -5.55 -15.19
N LEU B 98 12.52 -5.87 -15.39
CA LEU B 98 11.55 -5.93 -14.30
C LEU B 98 11.56 -7.29 -13.63
N LYS B 99 11.43 -7.30 -12.30
CA LYS B 99 11.39 -8.54 -11.53
C LYS B 99 10.24 -9.46 -11.95
N PHE B 100 10.54 -10.75 -12.00
CA PHE B 100 9.55 -11.74 -12.40
C PHE B 100 9.02 -12.50 -11.19
N ASP B 101 9.81 -12.52 -10.11
CA ASP B 101 9.34 -12.98 -8.79
C ASP B 101 9.92 -12.10 -7.67
N GLN B 102 9.76 -12.53 -6.43
CA GLN B 102 10.25 -11.79 -5.25
C GLN B 102 11.40 -12.51 -4.54
N THR B 103 11.66 -13.74 -4.98
CA THR B 103 12.66 -14.60 -4.37
C THR B 103 14.09 -14.18 -4.72
N VAL B 104 14.34 -13.92 -6.01
CA VAL B 104 15.61 -13.35 -6.49
C VAL B 104 15.89 -11.96 -5.89
N PRO B 105 14.90 -11.04 -5.96
CA PRO B 105 15.03 -9.77 -5.25
C PRO B 105 15.38 -9.94 -3.78
N LEU B 106 14.81 -10.94 -3.10
CA LEU B 106 15.21 -11.22 -1.72
C LEU B 106 16.72 -11.52 -1.61
N ALA B 107 17.23 -12.35 -2.51
CA ALA B 107 18.64 -12.71 -2.51
C ALA B 107 19.52 -11.46 -2.70
N ALA B 108 19.22 -10.71 -3.76
CA ALA B 108 19.86 -9.43 -4.00
C ALA B 108 19.78 -8.51 -2.78
N TYR B 109 18.60 -8.43 -2.16
CA TYR B 109 18.38 -7.56 -1.00
C TYR B 109 19.32 -7.85 0.16
N ILE B 110 19.38 -9.11 0.55
CA ILE B 110 20.23 -9.55 1.65
C ILE B 110 21.70 -9.24 1.34
N ALA B 111 22.09 -9.42 0.08
CA ALA B 111 23.46 -9.13 -0.34
C ALA B 111 23.83 -7.68 -0.09
N ARG B 112 22.92 -6.76 -0.45
CA ARG B 112 23.17 -5.32 -0.35
C ARG B 112 23.18 -4.82 1.08
N HIS B 113 22.44 -5.48 1.95
CA HIS B 113 22.19 -4.97 3.30
C HIS B 113 22.64 -5.93 4.39
N LEU B 114 23.35 -6.97 3.95
CA LEU B 114 23.83 -8.05 4.82
C LEU B 114 24.23 -7.65 6.25
N ASN B 115 25.07 -6.60 6.36
CA ASN B 115 25.63 -6.22 7.65
C ASN B 115 24.66 -5.40 8.50
N ASP B 116 23.51 -5.05 7.93
CA ASP B 116 22.57 -4.11 8.53
C ASP B 116 21.31 -4.80 9.01
N LEU B 117 21.19 -6.09 8.66
CA LEU B 117 20.00 -6.87 8.97
C LEU B 117 20.19 -7.71 10.22
N THR B 118 19.07 -8.13 10.79
CA THR B 118 19.04 -9.05 11.92
C THR B 118 18.79 -10.44 11.35
N PHE B 119 19.43 -11.44 11.95
CA PHE B 119 19.21 -12.81 11.55
C PHE B 119 18.75 -13.67 12.71
N PRO B 120 17.85 -14.63 12.44
CA PRO B 120 17.26 -14.87 11.11
C PRO B 120 16.34 -13.73 10.63
N PHE B 121 16.48 -13.37 9.36
CA PHE B 121 15.73 -12.25 8.76
C PHE B 121 14.31 -12.64 8.36
N ALA B 122 13.31 -12.03 9.00
CA ALA B 122 11.91 -12.36 8.76
C ALA B 122 11.21 -11.21 8.03
N ARG B 123 10.90 -11.41 6.77
CA ARG B 123 10.38 -10.33 5.95
C ARG B 123 9.14 -10.70 5.17
N TYR B 124 8.25 -9.72 4.97
CA TYR B 124 7.22 -9.83 3.93
C TYR B 124 7.41 -8.86 2.78
N GLN B 125 6.91 -9.27 1.61
CA GLN B 125 7.02 -8.47 0.40
C GLN B 125 5.74 -8.61 -0.41
N MSE B 126 5.16 -7.48 -0.82
CA MSE B 126 3.87 -7.46 -1.48
C MSE B 126 3.89 -6.65 -2.78
O MSE B 126 2.94 -5.94 -3.11
CB MSE B 126 2.78 -6.99 -0.52
CG MSE B 126 2.25 -8.12 0.37
SE MSE B 126 1.74 -7.55 2.17
CE MSE B 126 0.02 -8.40 2.31
N ASP B 127 4.99 -6.78 -3.52
CA ASP B 127 5.21 -6.06 -4.78
C ASP B 127 4.55 -6.77 -5.97
N VAL B 128 4.28 -6.03 -7.05
CA VAL B 128 3.86 -6.66 -8.29
C VAL B 128 5.10 -7.14 -9.03
N VAL B 129 4.97 -8.25 -9.74
CA VAL B 129 6.06 -8.79 -10.54
C VAL B 129 5.58 -9.01 -11.98
N PHE B 130 6.53 -9.22 -12.90
CA PHE B 130 6.23 -9.16 -14.32
C PHE B 130 6.76 -10.35 -15.10
N ARG B 131 5.85 -11.06 -15.76
CA ARG B 131 6.19 -12.19 -16.64
C ARG B 131 5.57 -12.03 -18.02
N GLY B 132 6.31 -12.40 -19.06
CA GLY B 132 5.77 -12.47 -20.42
C GLY B 132 5.24 -13.86 -20.71
N GLU B 133 4.05 -13.94 -21.30
CA GLU B 133 3.38 -15.22 -21.60
C GLU B 133 4.11 -16.07 -22.62
N ARG B 139 -1.67 -16.42 -17.31
CA ARG B 139 -2.07 -15.51 -18.38
C ARG B 139 -2.04 -14.02 -17.98
N PHE B 140 -1.74 -13.73 -16.71
CA PHE B 140 -1.46 -12.35 -16.28
C PHE B 140 -0.02 -11.99 -16.57
N ARG B 141 0.20 -10.80 -17.12
CA ARG B 141 1.55 -10.28 -17.33
C ARG B 141 2.04 -9.51 -16.10
N GLN B 142 1.10 -9.01 -15.31
CA GLN B 142 1.40 -8.30 -14.06
C GLN B 142 0.50 -8.83 -12.96
N PHE B 143 1.10 -9.30 -11.87
CA PHE B 143 0.36 -9.81 -10.73
C PHE B 143 1.10 -9.56 -9.42
N ARG B 144 0.35 -9.43 -8.33
CA ARG B 144 0.91 -9.24 -7.01
C ARG B 144 1.17 -10.57 -6.29
N GLN B 145 2.34 -10.66 -5.65
CA GLN B 145 2.70 -11.80 -4.83
C GLN B 145 2.82 -11.34 -3.39
N CYS B 146 2.32 -12.12 -2.44
CA CYS B 146 2.45 -11.79 -1.02
C CYS B 146 3.28 -12.83 -0.30
N ASP B 147 4.58 -12.60 -0.25
CA ASP B 147 5.51 -13.58 0.29
C ASP B 147 5.94 -13.21 1.70
N ILE B 148 6.14 -14.24 2.52
CA ILE B 148 7.00 -14.13 3.69
C ILE B 148 8.10 -15.15 3.55
N ASP B 149 9.29 -14.79 4.03
CA ASP B 149 10.42 -15.69 4.13
C ASP B 149 11.17 -15.38 5.41
N VAL B 150 11.65 -16.42 6.08
CA VAL B 150 12.65 -16.28 7.13
C VAL B 150 13.94 -16.89 6.62
N VAL B 151 15.02 -16.13 6.67
CA VAL B 151 16.31 -16.64 6.24
C VAL B 151 17.26 -16.57 7.44
N GLY B 152 17.93 -17.68 7.72
CA GLY B 152 18.94 -17.75 8.78
C GLY B 152 20.33 -17.83 8.18
N ARG B 153 21.34 -17.77 9.02
CA ARG B 153 22.70 -17.77 8.49
C ARG B 153 23.30 -19.16 8.22
N GLU B 154 23.48 -20.00 9.25
CA GLU B 154 23.96 -21.37 9.03
C GLU B 154 22.86 -22.40 9.27
N LYS B 155 21.92 -22.03 10.12
CA LYS B 155 20.80 -22.90 10.45
C LYS B 155 19.52 -22.10 10.65
N LEU B 156 18.42 -22.83 10.78
CA LEU B 156 17.10 -22.25 10.96
C LEU B 156 16.22 -23.29 11.62
N SER B 157 15.83 -23.03 12.86
CA SER B 157 14.90 -23.88 13.59
C SER B 157 13.71 -24.32 12.73
N LEU B 158 13.23 -25.53 13.00
CA LEU B 158 12.08 -26.07 12.27
C LEU B 158 10.79 -25.37 12.71
N LEU B 159 10.83 -24.71 13.85
CA LEU B 159 9.66 -24.03 14.38
C LEU B 159 9.25 -22.86 13.50
N TYR B 160 10.17 -22.41 12.65
CA TYR B 160 9.79 -21.47 11.61
C TYR B 160 8.90 -22.13 10.56
N ASP B 161 9.12 -23.43 10.33
CA ASP B 161 8.26 -24.21 9.41
C ASP B 161 6.89 -24.47 10.03
N ALA B 162 6.86 -24.64 11.36
CA ALA B 162 5.61 -24.87 12.10
C ALA B 162 4.71 -23.63 12.17
N GLN B 163 5.31 -22.45 12.11
CA GLN B 163 4.59 -21.18 12.16
C GLN B 163 3.78 -20.91 10.92
N MSE B 164 4.24 -21.43 9.78
CA MSE B 164 3.60 -21.16 8.49
C MSE B 164 2.14 -21.63 8.45
O MSE B 164 1.29 -20.87 8.01
CB MSE B 164 4.40 -21.76 7.33
CG MSE B 164 5.78 -21.12 7.10
SE MSE B 164 5.81 -19.17 7.07
CE MSE B 164 6.70 -18.85 8.78
N PRO B 165 1.85 -22.86 8.89
CA PRO B 165 0.45 -23.28 8.85
C PRO B 165 -0.41 -22.47 9.81
N ALA B 166 0.14 -22.09 10.97
CA ALA B 166 -0.52 -21.15 11.86
C ALA B 166 -0.80 -19.84 11.15
N ILE B 167 0.20 -19.31 10.44
CA ILE B 167 0.02 -18.09 9.65
C ILE B 167 -1.07 -18.26 8.58
N ILE B 168 -0.99 -19.34 7.79
CA ILE B 168 -1.98 -19.58 6.75
C ILE B 168 -3.41 -19.71 7.32
N THR B 169 -3.54 -20.38 8.47
CA THR B 169 -4.88 -20.59 9.03
C THR B 169 -5.54 -19.27 9.45
N GLU B 170 -4.77 -18.41 10.12
CA GLU B 170 -5.28 -17.10 10.57
C GLU B 170 -5.77 -16.22 9.40
N ILE B 171 -4.96 -16.16 8.34
CA ILE B 171 -5.28 -15.37 7.15
C ILE B 171 -6.60 -15.83 6.54
N PHE B 172 -6.66 -17.10 6.17
CA PHE B 172 -7.81 -17.61 5.43
C PHE B 172 -9.05 -17.81 6.27
N GLU B 173 -8.89 -17.90 7.58
CA GLU B 173 -10.05 -17.87 8.47
C GLU B 173 -10.64 -16.46 8.50
N ALA B 174 -9.80 -15.44 8.69
CA ALA B 174 -10.25 -14.03 8.68
C ALA B 174 -10.87 -13.56 7.35
N VAL B 175 -10.34 -14.10 6.26
CA VAL B 175 -10.77 -13.77 4.88
C VAL B 175 -12.17 -14.32 4.51
N ASN B 176 -12.60 -15.38 5.20
CA ASN B 176 -14.00 -15.84 5.19
C ASN B 176 -14.45 -16.45 3.85
N ILE B 177 -13.71 -17.44 3.36
CA ILE B 177 -13.93 -18.02 2.03
C ILE B 177 -14.30 -19.51 2.05
N GLY B 178 -14.80 -19.99 3.18
CA GLY B 178 -15.07 -21.41 3.37
C GLY B 178 -13.89 -22.12 4.00
N ASP B 179 -14.02 -23.43 4.19
CA ASP B 179 -13.01 -24.21 4.87
C ASP B 179 -11.86 -24.59 3.95
N PHE B 180 -10.68 -24.83 4.53
CA PHE B 180 -9.49 -25.18 3.77
C PHE B 180 -8.64 -26.17 4.57
N VAL B 181 -7.82 -26.95 3.87
CA VAL B 181 -6.79 -27.78 4.53
C VAL B 181 -5.42 -27.41 4.02
N ILE B 182 -4.47 -27.32 4.95
CA ILE B 182 -3.08 -27.12 4.60
C ILE B 182 -2.40 -28.48 4.47
N ARG B 183 -2.02 -28.83 3.25
CA ARG B 183 -1.42 -30.13 2.98
C ARG B 183 0.08 -30.03 3.20
N ILE B 184 0.57 -30.84 4.14
CA ILE B 184 1.98 -30.81 4.51
C ILE B 184 2.72 -32.06 4.06
N ASN B 185 3.99 -31.86 3.73
CA ASN B 185 4.87 -32.92 3.24
C ASN B 185 6.31 -32.47 3.46
N ASN B 186 7.21 -33.44 3.56
CA ASN B 186 8.62 -33.15 3.68
C ASN B 186 9.38 -33.76 2.50
N ARG B 187 10.12 -32.91 1.79
CA ARG B 187 10.88 -33.33 0.62
C ARG B 187 11.83 -34.49 0.91
N LYS B 188 12.36 -34.55 2.13
CA LYS B 188 13.32 -35.59 2.50
C LYS B 188 12.67 -36.97 2.60
N VAL B 189 11.37 -37.00 2.89
CA VAL B 189 10.63 -38.25 2.95
C VAL B 189 10.50 -38.87 1.56
N LEU B 190 9.82 -38.18 0.66
CA LEU B 190 9.54 -38.71 -0.68
C LEU B 190 10.81 -39.13 -1.41
N THR B 191 11.85 -38.33 -1.27
CA THR B 191 13.14 -38.58 -1.91
C THR B 191 13.93 -39.67 -1.17
N GLY B 192 13.85 -39.68 0.17
CA GLY B 192 14.46 -40.71 0.99
C GLY B 192 13.86 -42.08 0.71
N PHE B 193 12.58 -42.08 0.32
CA PHE B 193 11.86 -43.27 -0.12
C PHE B 193 12.29 -43.70 -1.53
N PHE B 194 12.54 -42.74 -2.41
CA PHE B 194 12.92 -42.99 -3.80
C PHE B 194 14.20 -43.79 -3.94
N GLN B 195 15.17 -43.51 -3.06
CA GLN B 195 16.49 -44.12 -3.10
C GLN B 195 16.48 -45.63 -2.80
N SER B 196 15.43 -46.09 -2.12
CA SER B 196 15.28 -47.51 -1.74
C SER B 196 15.16 -48.44 -2.95
N LEU B 197 14.51 -47.96 -4.00
CA LEU B 197 14.32 -48.74 -5.23
C LEU B 197 15.58 -48.74 -6.10
N ASN B 198 16.45 -47.76 -5.86
CA ASN B 198 17.69 -47.55 -6.61
C ASN B 198 17.45 -47.18 -8.08
N ILE B 199 16.81 -46.02 -8.28
CA ILE B 199 16.58 -45.47 -9.62
C ILE B 199 17.86 -44.81 -10.11
N SER B 200 18.14 -44.92 -11.41
CA SER B 200 19.28 -44.23 -12.03
C SER B 200 19.18 -42.72 -11.81
N GLU B 201 20.32 -42.08 -11.56
CA GLU B 201 20.35 -40.68 -11.08
C GLU B 201 20.00 -39.58 -12.10
N THR B 202 20.30 -39.80 -13.37
CA THR B 202 19.88 -38.88 -14.43
C THR B 202 18.42 -39.18 -14.79
N GLN B 203 17.98 -40.40 -14.49
CA GLN B 203 16.61 -40.84 -14.72
C GLN B 203 15.66 -40.52 -13.56
N ILE B 204 16.21 -40.41 -12.35
CA ILE B 204 15.40 -40.12 -11.15
C ILE B 204 14.90 -38.67 -11.10
N LYS B 205 15.77 -37.71 -11.41
CA LYS B 205 15.39 -36.29 -11.50
C LYS B 205 14.40 -36.07 -12.65
N SER B 206 14.35 -37.05 -13.56
CA SER B 206 13.44 -37.04 -14.70
C SER B 206 12.08 -37.65 -14.35
N CYS B 207 12.09 -38.68 -13.50
CA CYS B 207 10.87 -39.37 -13.09
C CYS B 207 10.42 -39.04 -11.67
N ILE B 208 10.98 -37.98 -11.11
CA ILE B 208 10.63 -37.54 -9.76
C ILE B 208 9.38 -36.65 -9.73
N SER B 209 9.17 -35.88 -10.80
CA SER B 209 8.07 -34.93 -10.86
C SER B 209 6.93 -35.31 -11.82
N ILE B 210 7.23 -36.18 -12.79
CA ILE B 210 6.20 -36.66 -13.74
C ILE B 210 5.22 -37.66 -13.10
N ILE B 211 5.40 -37.89 -11.80
CA ILE B 211 4.50 -38.72 -11.00
C ILE B 211 3.40 -37.86 -10.36
N ASP B 212 3.67 -36.55 -10.31
CA ASP B 212 2.72 -35.56 -9.80
C ASP B 212 1.41 -35.60 -10.59
N ASN B 213 1.50 -35.42 -11.91
CA ASN B 213 0.32 -35.32 -12.78
C ASN B 213 -0.43 -36.65 -13.02
N LEU B 214 -0.45 -37.50 -12.00
CA LEU B 214 -1.24 -38.73 -12.00
C LEU B 214 -2.71 -38.40 -11.73
N GLU B 215 -3.06 -37.13 -11.90
CA GLU B 215 -4.41 -36.63 -11.64
C GLU B 215 -5.40 -37.09 -12.70
N VAL B 222 -0.94 -44.84 -12.80
CA VAL B 222 -0.62 -46.03 -13.59
C VAL B 222 -0.16 -45.61 -15.00
N LYS B 223 0.89 -44.80 -15.05
CA LYS B 223 1.43 -44.29 -16.31
C LYS B 223 2.42 -45.25 -16.95
N LEU B 224 2.21 -45.53 -18.24
CA LEU B 224 3.08 -46.42 -19.00
C LEU B 224 4.23 -45.68 -19.68
N GLU B 225 4.06 -44.37 -19.88
CA GLU B 225 5.11 -43.49 -20.37
C GLU B 225 5.97 -42.96 -19.20
N LEU B 226 6.35 -43.88 -18.30
CA LEU B 226 7.19 -43.57 -17.14
C LEU B 226 8.37 -44.53 -17.04
N GLU B 227 8.22 -45.70 -17.67
CA GLU B 227 9.27 -46.72 -17.72
C GLU B 227 10.41 -46.31 -18.68
N LYS B 228 10.07 -45.43 -19.63
CA LYS B 228 11.04 -44.92 -20.61
C LYS B 228 11.62 -43.57 -20.21
N GLU B 229 11.34 -43.13 -18.99
CA GLU B 229 11.83 -41.85 -18.49
C GLU B 229 13.28 -41.94 -18.04
N THR B 236 7.71 -51.82 -10.12
CA THR B 236 7.57 -50.69 -11.04
C THR B 236 6.68 -49.59 -10.45
N GLN B 237 5.46 -49.96 -10.06
CA GLN B 237 4.46 -49.01 -9.55
C GLN B 237 4.42 -48.91 -8.03
N LYS B 238 5.39 -49.54 -7.36
CA LYS B 238 5.45 -49.57 -5.89
C LYS B 238 5.32 -48.19 -5.25
N ILE B 239 5.73 -47.16 -5.98
CA ILE B 239 5.73 -45.78 -5.51
C ILE B 239 4.32 -45.16 -5.43
N ILE B 240 3.40 -45.64 -6.29
CA ILE B 240 2.02 -45.15 -6.29
C ILE B 240 1.34 -45.39 -4.94
N ASP B 241 1.42 -46.62 -4.43
CA ASP B 241 0.84 -46.98 -3.14
C ASP B 241 1.33 -46.13 -1.97
N PHE B 242 2.49 -45.50 -2.14
CA PHE B 242 3.08 -44.65 -1.10
C PHE B 242 2.50 -43.23 -1.10
N VAL B 243 2.34 -42.65 -2.28
CA VAL B 243 1.74 -41.32 -2.40
C VAL B 243 0.23 -41.39 -2.20
N LYS B 244 -0.30 -42.62 -2.18
CA LYS B 244 -1.71 -42.87 -1.94
C LYS B 244 -2.06 -42.84 -0.46
N ILE B 245 -1.05 -42.88 0.41
CA ILE B 245 -1.25 -43.00 1.86
C ILE B 245 -2.19 -41.93 2.43
N ASP B 246 -3.33 -42.41 2.94
CA ASP B 246 -4.45 -41.56 3.31
C ASP B 246 -4.85 -41.93 4.74
N GLY B 247 -4.73 -40.98 5.65
CA GLY B 247 -5.07 -41.20 7.06
C GLY B 247 -4.97 -39.94 7.88
N SER B 248 -5.20 -40.06 9.19
CA SER B 248 -5.03 -38.94 10.10
C SER B 248 -3.55 -38.74 10.37
N VAL B 249 -3.21 -37.55 10.86
CA VAL B 249 -1.81 -37.13 10.99
C VAL B 249 -0.95 -38.08 11.83
N ASP B 250 -1.42 -38.43 13.03
CA ASP B 250 -0.71 -39.37 13.90
C ASP B 250 -0.54 -40.74 13.23
N ASP B 251 -1.57 -41.20 12.54
CA ASP B 251 -1.53 -42.52 11.88
C ASP B 251 -0.57 -42.57 10.71
N VAL B 252 -0.68 -41.63 9.77
CA VAL B 252 0.29 -41.52 8.67
C VAL B 252 1.73 -41.52 9.23
N LEU B 253 1.99 -40.65 10.20
CA LEU B 253 3.27 -40.63 10.92
C LEU B 253 3.71 -42.01 11.44
N ASP B 254 2.76 -42.77 11.95
CA ASP B 254 3.04 -44.09 12.51
C ASP B 254 3.37 -45.11 11.43
N LYS B 255 2.73 -44.99 10.26
CA LYS B 255 3.02 -45.84 9.12
C LYS B 255 4.41 -45.51 8.55
N LEU B 256 4.77 -44.22 8.64
CA LEU B 256 6.10 -43.76 8.25
C LEU B 256 7.18 -44.35 9.16
N LYS B 257 7.00 -44.22 10.47
CA LYS B 257 7.90 -44.81 11.47
C LYS B 257 7.96 -46.35 11.40
N HIS B 258 6.84 -46.95 11.00
CA HIS B 258 6.72 -48.40 10.77
C HIS B 258 7.47 -48.83 9.50
N LEU B 259 7.47 -47.96 8.50
CA LEU B 259 8.10 -48.21 7.21
C LEU B 259 9.62 -48.10 7.34
N SER B 260 10.05 -47.24 8.26
CA SER B 260 11.46 -47.02 8.59
C SER B 260 12.26 -48.31 8.81
N GLN B 261 11.68 -49.24 9.59
CA GLN B 261 12.35 -50.49 9.93
C GLN B 261 12.47 -51.39 8.71
N THR B 262 11.47 -51.31 7.82
CA THR B 262 11.39 -52.13 6.62
C THR B 262 12.51 -51.78 5.62
N LEU B 263 12.73 -50.49 5.39
CA LEU B 263 13.75 -50.03 4.45
C LEU B 263 15.16 -50.09 5.06
N SER B 266 18.11 -46.03 4.69
CA SER B 266 17.04 -45.04 4.62
C SER B 266 17.29 -43.84 5.53
N GLU B 267 18.51 -43.31 5.51
CA GLU B 267 18.90 -42.22 6.39
C GLU B 267 18.03 -40.97 6.17
N GLN B 268 17.87 -40.59 4.90
CA GLN B 268 17.10 -39.41 4.52
C GLN B 268 15.65 -39.57 4.89
N PHE B 269 15.05 -40.67 4.44
CA PHE B 269 13.69 -41.02 4.80
C PHE B 269 13.48 -40.77 6.30
N ASN B 270 14.34 -41.35 7.12
CA ASN B 270 14.25 -41.27 8.58
C ASN B 270 14.26 -39.84 9.15
N LEU B 271 15.09 -38.97 8.59
CA LEU B 271 15.19 -37.60 9.08
C LEU B 271 14.02 -36.76 8.59
N GLY B 272 13.57 -37.02 7.37
CA GLY B 272 12.39 -36.37 6.81
C GLY B 272 11.15 -36.62 7.63
N VAL B 273 10.97 -37.88 8.04
CA VAL B 273 9.89 -38.30 8.92
C VAL B 273 10.03 -37.62 10.29
N SER B 274 11.28 -37.48 10.74
CA SER B 274 11.57 -36.83 12.02
C SER B 274 11.20 -35.35 11.99
N GLU B 275 11.67 -34.64 10.95
CA GLU B 275 11.36 -33.23 10.73
C GLU B 275 9.90 -33.02 10.36
N LEU B 276 9.28 -34.07 9.85
CA LEU B 276 7.85 -34.02 9.57
C LEU B 276 7.06 -34.02 10.89
N GLU B 277 7.60 -34.70 11.91
CA GLU B 277 6.97 -34.76 13.23
C GLU B 277 7.16 -33.49 14.06
N THR B 278 8.38 -32.93 14.05
CA THR B 278 8.72 -31.76 14.86
C THR B 278 7.85 -30.56 14.50
N VAL B 279 7.65 -30.39 13.18
CA VAL B 279 6.83 -29.34 12.61
C VAL B 279 5.35 -29.54 12.96
N ILE B 280 4.85 -30.76 12.78
CA ILE B 280 3.48 -31.12 13.15
C ILE B 280 3.18 -30.91 14.65
N THR B 281 4.14 -31.23 15.50
CA THR B 281 4.00 -30.96 16.94
C THR B 281 4.00 -29.46 17.19
N GLY B 282 4.85 -28.73 16.46
CA GLY B 282 4.84 -27.27 16.50
C GLY B 282 3.49 -26.70 16.11
N VAL B 283 2.96 -27.17 14.98
CA VAL B 283 1.67 -26.68 14.45
C VAL B 283 0.55 -26.90 15.48
N ARG B 284 0.62 -28.01 16.20
CA ARG B 284 -0.30 -28.30 17.30
C ARG B 284 -0.06 -27.39 18.51
N ASN B 285 1.18 -27.26 18.95
CA ASN B 285 1.52 -26.41 20.09
C ASN B 285 1.06 -24.95 19.89
N LEU B 286 1.04 -24.49 18.64
CA LEU B 286 0.56 -23.14 18.29
C LEU B 286 -0.98 -23.05 18.15
N GLY B 287 -1.65 -24.14 18.52
CA GLY B 287 -3.10 -24.16 18.62
C GLY B 287 -3.87 -24.30 17.33
N VAL B 288 -3.17 -24.68 16.26
CA VAL B 288 -3.83 -24.89 14.97
C VAL B 288 -4.66 -26.18 15.04
N PRO B 289 -5.99 -26.07 14.88
CA PRO B 289 -6.84 -27.26 15.02
C PRO B 289 -6.56 -28.30 13.93
N ASP B 290 -6.72 -29.58 14.27
CA ASP B 290 -6.32 -30.69 13.41
C ASP B 290 -7.11 -30.82 12.10
N LYS B 291 -8.31 -30.24 12.07
CA LYS B 291 -9.11 -30.20 10.85
C LYS B 291 -8.52 -29.27 9.78
N ARG B 292 -7.53 -28.47 10.16
CA ARG B 292 -6.99 -27.45 9.27
C ARG B 292 -5.74 -27.89 8.52
N PHE B 293 -5.20 -29.04 8.89
CA PHE B 293 -4.02 -29.57 8.21
C PHE B 293 -4.01 -31.11 8.08
N CYS B 294 -3.24 -31.62 7.13
CA CYS B 294 -3.03 -33.05 6.97
C CYS B 294 -1.68 -33.32 6.30
N ILE B 295 -1.18 -34.54 6.44
CA ILE B 295 0.01 -34.97 5.68
C ILE B 295 -0.43 -35.52 4.34
N ASP B 296 0.13 -34.95 3.27
CA ASP B 296 -0.15 -35.36 1.90
C ASP B 296 1.19 -35.60 1.22
N LEU B 297 1.54 -36.87 1.02
CA LEU B 297 2.87 -37.29 0.57
C LEU B 297 3.12 -37.09 -0.92
N ALA B 298 2.07 -36.75 -1.68
CA ALA B 298 2.19 -36.54 -3.13
C ALA B 298 2.66 -35.14 -3.57
N ILE B 299 2.89 -34.23 -2.63
CA ILE B 299 3.29 -32.86 -2.98
C ILE B 299 4.74 -32.76 -3.48
N ALA B 300 5.00 -31.77 -4.34
CA ALA B 300 6.34 -31.51 -4.88
C ALA B 300 6.54 -30.03 -5.16
N TYR B 305 14.60 -27.49 -5.51
CA TYR B 305 14.63 -26.25 -4.73
C TYR B 305 14.31 -26.48 -3.25
N TYR B 306 13.20 -27.18 -2.99
CA TYR B 306 12.78 -27.49 -1.62
C TYR B 306 13.51 -28.70 -1.06
N THR B 307 13.95 -28.59 0.19
CA THR B 307 14.71 -29.66 0.83
C THR B 307 14.02 -30.27 2.04
N GLY B 308 12.93 -29.65 2.50
CA GLY B 308 12.24 -30.15 3.68
C GLY B 308 10.74 -29.91 3.63
N THR B 309 10.24 -29.16 4.60
CA THR B 309 8.81 -28.87 4.74
C THR B 309 8.27 -28.27 3.46
N VAL B 310 7.08 -28.74 3.06
CA VAL B 310 6.40 -28.23 1.89
C VAL B 310 4.91 -28.10 2.22
N TYR B 311 4.33 -26.95 1.92
CA TYR B 311 2.89 -26.72 2.09
C TYR B 311 2.18 -26.42 0.78
N GLU B 312 0.94 -26.88 0.72
CA GLU B 312 -0.01 -26.47 -0.28
C GLU B 312 -1.30 -26.26 0.48
N THR B 313 -2.14 -25.36 0.00
CA THR B 313 -3.41 -25.07 0.66
C THR B 313 -4.57 -25.18 -0.31
N THR B 314 -5.53 -26.03 0.03
CA THR B 314 -6.68 -26.33 -0.82
C THR B 314 -7.98 -25.87 -0.17
N LEU B 315 -8.82 -25.16 -0.94
CA LEU B 315 -10.20 -24.89 -0.53
C LEU B 315 -11.09 -26.12 -0.69
N ILE B 316 -11.74 -26.53 0.40
CA ILE B 316 -12.54 -27.75 0.39
C ILE B 316 -13.74 -27.61 -0.54
N GLY B 317 -13.86 -28.53 -1.50
CA GLY B 317 -14.87 -28.46 -2.53
C GLY B 317 -14.51 -27.56 -3.70
N HIS B 318 -13.39 -26.86 -3.60
CA HIS B 318 -12.93 -26.00 -4.68
C HIS B 318 -11.48 -26.36 -5.05
N GLU B 319 -11.22 -27.67 -5.01
CA GLU B 319 -9.91 -28.26 -5.29
C GLU B 319 -9.36 -27.94 -6.68
N ALA B 320 -10.27 -27.70 -7.63
CA ALA B 320 -9.88 -27.43 -9.03
C ALA B 320 -9.27 -26.05 -9.24
N LEU B 321 -9.29 -25.20 -8.21
CA LEU B 321 -8.64 -23.89 -8.27
C LEU B 321 -7.16 -23.98 -7.90
N GLY B 322 -6.71 -25.19 -7.58
CA GLY B 322 -5.33 -25.45 -7.16
C GLY B 322 -5.00 -24.88 -5.80
N SER B 323 -3.70 -24.77 -5.51
CA SER B 323 -3.21 -24.23 -4.24
C SER B 323 -3.33 -22.71 -4.16
N ILE B 324 -3.98 -22.25 -3.09
CA ILE B 324 -4.22 -20.83 -2.85
C ILE B 324 -3.16 -20.26 -1.91
N CYS B 325 -2.25 -21.13 -1.45
CA CYS B 325 -1.06 -20.71 -0.69
C CYS B 325 -0.04 -21.86 -0.65
N SER B 326 1.20 -21.55 -1.02
CA SER B 326 2.25 -22.56 -1.20
C SER B 326 3.62 -22.10 -0.74
N GLY B 327 4.51 -23.06 -0.52
CA GLY B 327 5.88 -22.75 -0.18
C GLY B 327 6.55 -23.89 0.56
N GLY B 328 7.56 -23.55 1.35
CA GLY B 328 8.32 -24.54 2.10
C GLY B 328 9.75 -24.13 2.39
N ARG B 329 10.61 -25.14 2.48
CA ARG B 329 11.98 -24.96 2.92
C ARG B 329 12.98 -25.15 1.77
N TYR B 330 13.92 -24.21 1.66
CA TYR B 330 14.98 -24.24 0.66
C TYR B 330 16.35 -24.06 1.30
N GLU B 331 17.40 -24.49 0.59
CA GLU B 331 18.78 -24.39 1.06
C GLU B 331 19.63 -23.47 0.18
N GLU B 332 19.33 -23.44 -1.13
CA GLU B 332 19.98 -22.51 -2.06
C GLU B 332 19.03 -21.98 -3.17
N LEU B 333 18.20 -21.00 -2.80
CA LEU B 333 17.34 -20.30 -3.75
C LEU B 333 17.54 -18.81 -3.54
N VAL B 334 17.83 -18.46 -2.28
CA VAL B 334 18.38 -17.17 -1.92
C VAL B 334 19.88 -17.42 -1.71
N GLY B 335 20.65 -16.35 -1.57
CA GLY B 335 22.09 -16.49 -1.33
C GLY B 335 22.92 -16.58 -2.61
N THR B 336 22.26 -16.48 -3.75
CA THR B 336 22.90 -16.46 -5.06
C THR B 336 24.10 -15.50 -5.08
N PHE B 337 23.89 -14.28 -4.58
CA PHE B 337 24.88 -13.20 -4.61
C PHE B 337 25.69 -13.08 -3.33
N ILE B 338 25.20 -13.73 -2.26
CA ILE B 338 25.93 -13.86 -1.01
C ILE B 338 27.11 -14.76 -1.28
N GLY B 339 26.94 -15.63 -2.27
CA GLY B 339 27.98 -16.56 -2.70
C GLY B 339 28.11 -17.74 -1.77
N GLU B 340 27.04 -18.01 -1.02
CA GLU B 340 27.04 -19.10 -0.05
C GLU B 340 25.64 -19.66 0.24
N LYS B 341 25.56 -20.54 1.24
CA LYS B 341 24.38 -21.36 1.51
C LYS B 341 23.53 -20.73 2.62
N MSE B 342 22.24 -20.56 2.37
CA MSE B 342 21.35 -19.95 3.36
C MSE B 342 20.01 -20.66 3.50
O MSE B 342 19.20 -20.68 2.55
CB MSE B 342 21.13 -18.46 3.04
CG MSE B 342 22.36 -17.59 3.21
SE MSE B 342 21.95 -15.74 3.60
CE MSE B 342 20.81 -15.34 2.07
N PRO B 343 19.76 -21.24 4.67
CA PRO B 343 18.50 -21.94 4.92
C PRO B 343 17.35 -20.94 4.99
N GLY B 344 16.22 -21.29 4.38
CA GLY B 344 15.03 -20.47 4.43
C GLY B 344 13.75 -21.28 4.39
N VAL B 345 12.68 -20.69 4.93
CA VAL B 345 11.32 -21.20 4.77
C VAL B 345 10.41 -20.02 4.36
N GLY B 346 9.64 -20.23 3.30
CA GLY B 346 8.73 -19.18 2.82
C GLY B 346 7.43 -19.68 2.25
N ILE B 347 6.39 -18.85 2.34
CA ILE B 347 5.12 -19.10 1.68
C ILE B 347 4.66 -17.90 0.86
N SER B 348 3.86 -18.18 -0.17
CA SER B 348 3.50 -17.20 -1.18
C SER B 348 2.01 -17.28 -1.51
N ILE B 349 1.37 -16.11 -1.61
CA ILE B 349 0.00 -16.01 -2.11
C ILE B 349 -0.01 -15.13 -3.36
N GLY B 350 -0.35 -15.74 -4.49
CA GLY B 350 -0.60 -14.99 -5.72
C GLY B 350 -1.95 -14.32 -5.58
N LEU B 351 -1.96 -13.07 -5.10
CA LEU B 351 -3.20 -12.39 -4.75
C LEU B 351 -4.05 -12.02 -5.95
N THR B 352 -3.42 -11.46 -6.98
CA THR B 352 -4.13 -11.09 -8.21
C THR B 352 -4.83 -12.31 -8.77
N ARG B 353 -4.10 -13.42 -8.82
CA ARG B 353 -4.61 -14.68 -9.34
C ARG B 353 -5.75 -15.16 -8.46
N LEU B 354 -5.52 -15.15 -7.15
CA LEU B 354 -6.49 -15.62 -6.17
C LEU B 354 -7.80 -14.84 -6.25
N ILE B 355 -7.70 -13.52 -6.40
CA ILE B 355 -8.90 -12.68 -6.45
C ILE B 355 -9.77 -12.95 -7.69
N SER B 356 -9.19 -12.96 -8.89
CA SER B 356 -9.95 -13.23 -10.12
C SER B 356 -10.64 -14.59 -10.07
N ARG B 357 -9.92 -15.61 -9.62
CA ARG B 357 -10.48 -16.96 -9.51
C ARG B 357 -11.60 -17.02 -8.46
N LEU B 358 -11.39 -16.40 -7.30
CA LEU B 358 -12.38 -16.39 -6.22
C LEU B 358 -13.63 -15.58 -6.54
N LEU B 359 -13.46 -14.41 -7.15
CA LEU B 359 -14.58 -13.62 -7.62
C LEU B 359 -15.40 -14.41 -8.66
N LYS B 360 -14.74 -14.92 -9.68
CA LYS B 360 -15.44 -15.62 -10.77
C LYS B 360 -16.24 -16.83 -10.32
N ALA B 361 -15.81 -17.45 -9.22
CA ALA B 361 -16.49 -18.63 -8.66
C ALA B 361 -17.52 -18.27 -7.59
N GLY B 362 -17.75 -16.95 -7.41
CA GLY B 362 -18.72 -16.46 -6.44
C GLY B 362 -18.39 -16.77 -4.98
N ILE B 363 -17.14 -17.15 -4.70
CA ILE B 363 -16.65 -17.41 -3.34
C ILE B 363 -16.45 -16.11 -2.55
N LEU B 364 -15.96 -15.10 -3.25
CA LEU B 364 -15.56 -13.85 -2.63
C LEU B 364 -16.53 -12.78 -3.07
N ASN B 365 -16.96 -11.94 -2.14
CA ASN B 365 -17.82 -10.81 -2.47
C ASN B 365 -17.00 -9.52 -2.58
N THR B 366 -17.21 -8.74 -3.63
CA THR B 366 -16.58 -7.41 -3.69
C THR B 366 -17.13 -6.50 -2.58
N LEU B 367 -16.46 -5.38 -2.38
CA LEU B 367 -16.84 -4.40 -1.38
C LEU B 367 -17.56 -3.23 -2.05
N PRO B 368 -18.19 -2.34 -1.27
CA PRO B 368 -18.75 -1.16 -1.93
C PRO B 368 -17.64 -0.38 -2.63
N PRO B 369 -17.97 0.33 -3.74
CA PRO B 369 -16.95 1.06 -4.53
C PRO B 369 -16.30 2.25 -3.79
N THR B 370 -16.82 2.60 -2.61
CA THR B 370 -16.40 3.77 -1.85
C THR B 370 -16.08 3.42 -0.38
N PRO B 371 -15.13 4.13 0.26
CA PRO B 371 -14.97 3.85 1.70
C PRO B 371 -15.94 4.63 2.57
N ALA B 372 -16.76 5.50 1.98
CA ALA B 372 -17.62 6.37 2.75
C ALA B 372 -18.71 5.56 3.44
N GLN B 373 -18.99 5.89 4.71
CA GLN B 373 -20.05 5.25 5.48
C GLN B 373 -21.21 6.19 5.66
N VAL B 374 -20.97 7.49 5.46
CA VAL B 374 -21.96 8.54 5.74
C VAL B 374 -21.94 9.62 4.66
N VAL B 375 -23.12 10.01 4.19
CA VAL B 375 -23.25 11.18 3.31
C VAL B 375 -23.98 12.26 4.07
N VAL B 376 -23.41 13.45 4.14
CA VAL B 376 -24.19 14.60 4.61
C VAL B 376 -24.84 15.17 3.35
N VAL B 377 -26.17 15.04 3.26
CA VAL B 377 -26.92 15.47 2.08
C VAL B 377 -27.11 16.98 2.02
N ASN B 378 -27.22 17.49 0.81
CA ASN B 378 -27.41 18.90 0.57
C ASN B 378 -28.91 19.21 0.42
N MSE B 379 -29.51 19.76 1.47
CA MSE B 379 -30.95 20.04 1.49
C MSE B 379 -31.22 21.50 1.14
O MSE B 379 -32.29 21.81 0.66
CB MSE B 379 -31.56 19.79 2.88
CG MSE B 379 -31.47 18.39 3.40
SE MSE B 379 -32.32 17.09 2.24
CE MSE B 379 -34.17 17.59 2.48
N GLN B 380 -30.25 22.37 1.43
CA GLN B 380 -30.42 23.81 1.20
C GLN B 380 -29.07 24.51 1.18
N ASP B 381 -28.85 25.36 0.17
CA ASP B 381 -27.53 25.99 -0.04
C ASP B 381 -27.04 26.77 1.16
N GLU B 382 -27.93 27.55 1.76
CA GLU B 382 -27.59 28.37 2.93
C GLU B 382 -27.01 27.56 4.08
N LEU B 383 -27.26 26.25 4.11
CA LEU B 383 -26.80 25.39 5.20
C LEU B 383 -25.47 24.67 4.96
N MSE B 384 -24.78 25.04 3.88
CA MSE B 384 -23.52 24.42 3.51
C MSE B 384 -22.43 24.60 4.59
O MSE B 384 -21.66 23.66 4.84
CB MSE B 384 -23.03 24.91 2.13
CG MSE B 384 -21.76 24.24 1.62
SE MSE B 384 -21.83 22.28 1.58
CE MSE B 384 -23.13 22.10 0.12
N PRO B 385 -22.35 25.80 5.23
CA PRO B 385 -21.41 25.87 6.34
C PRO B 385 -21.69 24.80 7.40
N THR B 386 -22.95 24.63 7.78
CA THR B 386 -23.31 23.60 8.74
C THR B 386 -22.91 22.20 8.26
N TYR B 387 -23.13 21.93 6.97
CA TYR B 387 -22.84 20.62 6.41
C TYR B 387 -21.35 20.37 6.45
N LEU B 388 -20.57 21.42 6.15
CA LEU B 388 -19.12 21.32 6.19
C LEU B 388 -18.67 21.01 7.61
N LYS B 389 -19.19 21.78 8.57
CA LYS B 389 -18.87 21.59 9.98
C LYS B 389 -19.20 20.18 10.49
N VAL B 390 -20.43 19.72 10.26
CA VAL B 390 -20.88 18.43 10.75
C VAL B 390 -20.05 17.28 10.14
N SER B 391 -19.82 17.34 8.83
CA SER B 391 -18.95 16.38 8.15
C SER B 391 -17.60 16.32 8.89
N GLN B 392 -17.01 17.47 9.21
CA GLN B 392 -15.72 17.45 9.91
C GLN B 392 -15.85 16.85 11.33
N GLN B 393 -17.01 17.04 11.97
CA GLN B 393 -17.22 16.45 13.28
C GLN B 393 -17.31 14.93 13.18
N LEU B 394 -18.09 14.46 12.21
CA LEU B 394 -18.18 13.03 11.97
C LEU B 394 -16.80 12.43 11.62
N ARG B 395 -16.01 13.16 10.84
CA ARG B 395 -14.66 12.70 10.48
C ARG B 395 -13.74 12.58 11.69
N GLN B 396 -13.86 13.55 12.59
CA GLN B 396 -13.08 13.56 13.84
C GLN B 396 -13.39 12.36 14.71
N ALA B 397 -14.62 11.90 14.66
CA ALA B 397 -15.06 10.76 15.46
C ALA B 397 -14.66 9.44 14.82
N GLY B 398 -13.87 9.49 13.75
CA GLY B 398 -13.37 8.27 13.10
C GLY B 398 -14.15 7.78 11.88
N LEU B 399 -15.28 8.40 11.57
CA LEU B 399 -16.13 8.01 10.44
C LEU B 399 -15.62 8.50 9.08
N ASN B 400 -15.91 7.76 8.01
CA ASN B 400 -15.62 8.17 6.61
C ASN B 400 -16.82 8.84 5.99
N VAL B 401 -16.67 10.11 5.59
CA VAL B 401 -17.82 10.93 5.24
C VAL B 401 -17.66 11.63 3.90
N ILE B 402 -18.80 11.79 3.21
CA ILE B 402 -18.88 12.63 2.02
C ILE B 402 -19.94 13.71 2.21
N THR B 403 -19.59 14.95 1.91
CA THR B 403 -20.57 16.01 1.85
C THR B 403 -21.00 16.10 0.40
N ASN B 404 -22.30 16.01 0.12
CA ASN B 404 -22.81 16.20 -1.23
C ASN B 404 -22.73 17.67 -1.62
N PHE B 405 -22.06 17.97 -2.72
CA PHE B 405 -21.86 19.37 -3.14
C PHE B 405 -22.85 19.88 -4.17
N GLU B 406 -23.31 18.98 -5.05
CA GLU B 406 -24.30 19.28 -6.07
C GLU B 406 -25.63 19.75 -5.48
N LYS B 407 -26.45 20.41 -6.29
CA LYS B 407 -27.82 20.74 -5.92
C LYS B 407 -28.77 19.78 -6.63
N ARG B 408 -29.27 18.80 -5.90
CA ARG B 408 -30.25 17.85 -6.40
C ARG B 408 -31.19 17.54 -5.26
N GLN B 409 -32.41 17.14 -5.57
CA GLN B 409 -33.38 16.75 -4.55
C GLN B 409 -32.94 15.51 -3.75
N LEU B 410 -33.55 15.32 -2.58
CA LEU B 410 -33.10 14.25 -1.68
C LEU B 410 -33.22 12.84 -2.27
N GLY B 411 -34.25 12.60 -3.06
CA GLY B 411 -34.44 11.30 -3.71
C GLY B 411 -33.24 10.80 -4.48
N LYS B 412 -32.61 11.67 -5.28
CA LYS B 412 -31.45 11.32 -6.09
C LYS B 412 -30.17 11.16 -5.26
N GLN B 413 -30.00 12.01 -4.25
CA GLN B 413 -28.90 11.85 -3.34
C GLN B 413 -28.99 10.45 -2.67
N PHE B 414 -30.19 10.06 -2.23
CA PHE B 414 -30.46 8.72 -1.71
C PHE B 414 -30.10 7.65 -2.74
N GLN B 415 -30.53 7.86 -3.98
CA GLN B 415 -30.31 6.88 -5.02
C GLN B 415 -28.79 6.72 -5.24
N ALA B 416 -28.08 7.85 -5.33
CA ALA B 416 -26.63 7.86 -5.55
C ALA B 416 -25.85 7.16 -4.41
N ALA B 417 -26.19 7.49 -3.17
CA ALA B 417 -25.56 6.88 -2.00
C ALA B 417 -25.78 5.37 -1.91
N ASP B 418 -26.97 4.91 -2.29
CA ASP B 418 -27.23 3.49 -2.22
C ASP B 418 -26.57 2.72 -3.38
N LYS B 419 -26.60 3.29 -4.58
CA LYS B 419 -25.91 2.68 -5.71
C LYS B 419 -24.42 2.46 -5.37
N GLN B 420 -23.81 3.39 -4.62
CA GLN B 420 -22.42 3.30 -4.17
C GLN B 420 -22.23 2.50 -2.87
N GLY B 421 -23.30 1.94 -2.31
CA GLY B 421 -23.21 1.16 -1.08
C GLY B 421 -22.92 1.94 0.21
N ILE B 422 -23.16 3.24 0.19
CA ILE B 422 -23.03 4.06 1.39
C ILE B 422 -24.27 3.86 2.28
N ARG B 423 -24.04 3.57 3.55
CA ARG B 423 -25.10 3.15 4.44
C ARG B 423 -26.00 4.27 4.96
N PHE B 424 -25.42 5.35 5.47
CA PHE B 424 -26.22 6.35 6.18
C PHE B 424 -26.32 7.70 5.46
N CYS B 425 -27.49 8.32 5.51
CA CYS B 425 -27.62 9.71 5.08
C CYS B 425 -27.97 10.59 6.28
N VAL B 426 -27.24 11.70 6.40
CA VAL B 426 -27.49 12.67 7.45
C VAL B 426 -28.21 13.87 6.83
N ILE B 427 -29.53 13.91 7.08
CA ILE B 427 -30.41 14.97 6.59
C ILE B 427 -30.51 16.13 7.59
N ILE B 428 -30.00 17.29 7.21
CA ILE B 428 -30.20 18.51 7.99
C ILE B 428 -30.80 19.59 7.07
N GLY B 429 -32.09 19.91 7.31
CA GLY B 429 -32.77 21.06 6.66
C GLY B 429 -32.88 22.17 7.70
N ALA B 430 -33.69 23.19 7.41
CA ALA B 430 -33.80 24.35 8.29
C ALA B 430 -34.17 24.00 9.75
N ASP B 431 -35.27 23.24 9.91
CA ASP B 431 -35.76 22.83 11.22
C ASP B 431 -34.75 22.05 12.06
N GLU B 432 -34.12 21.06 11.43
CA GLU B 432 -33.06 20.28 12.09
C GLU B 432 -31.96 21.18 12.63
N ALA B 433 -31.40 22.02 11.75
CA ALA B 433 -30.32 22.97 12.07
C ALA B 433 -30.66 23.96 13.19
N ALA B 434 -31.86 24.52 13.17
CA ALA B 434 -32.30 25.40 14.25
C ALA B 434 -32.33 24.66 15.59
N ALA B 435 -32.82 23.43 15.60
CA ALA B 435 -32.96 22.62 16.81
C ALA B 435 -31.66 21.90 17.19
N GLN B 436 -30.61 22.14 16.42
CA GLN B 436 -29.30 21.47 16.62
C GLN B 436 -29.45 19.94 16.54
N LYS B 437 -30.24 19.49 15.58
CA LYS B 437 -30.44 18.06 15.42
C LYS B 437 -30.26 17.65 13.96
N SER B 438 -30.52 16.38 13.70
CA SER B 438 -30.41 15.83 12.37
C SER B 438 -31.35 14.65 12.25
N SER B 439 -31.63 14.29 11.01
CA SER B 439 -32.37 13.07 10.75
C SER B 439 -31.41 12.07 10.09
N LEU B 440 -31.32 10.89 10.70
CA LEU B 440 -30.42 9.83 10.23
C LEU B 440 -31.20 8.77 9.46
N LYS B 441 -30.85 8.60 8.19
CA LYS B 441 -31.50 7.59 7.36
C LYS B 441 -30.56 6.42 7.12
N ASP B 442 -31.04 5.22 7.45
CA ASP B 442 -30.28 3.98 7.20
C ASP B 442 -30.76 3.37 5.90
N LEU B 443 -30.00 3.56 4.83
CA LEU B 443 -30.41 3.10 3.49
C LEU B 443 -30.54 1.60 3.32
N GLN B 444 -29.97 0.82 4.24
CA GLN B 444 -30.03 -0.63 4.13
C GLN B 444 -31.22 -1.24 4.86
N SER B 445 -31.44 -0.81 6.10
CA SER B 445 -32.60 -1.26 6.88
C SER B 445 -33.86 -0.49 6.48
N GLY B 446 -33.69 0.79 6.18
CA GLY B 446 -34.82 1.65 5.86
C GLY B 446 -35.16 2.51 7.05
N GLU B 447 -34.54 2.20 8.21
CA GLU B 447 -34.81 2.91 9.44
C GLU B 447 -34.46 4.39 9.30
N GLN B 448 -35.27 5.23 9.91
CA GLN B 448 -35.01 6.65 9.97
C GLN B 448 -35.31 7.19 11.37
N VAL B 449 -34.35 7.94 11.90
CA VAL B 449 -34.41 8.33 13.29
C VAL B 449 -33.84 9.75 13.46
N GLU B 450 -34.42 10.48 14.40
CA GLU B 450 -33.97 11.82 14.72
C GLU B 450 -32.86 11.75 15.78
N VAL B 451 -31.78 12.50 15.57
CA VAL B 451 -30.64 12.50 16.50
C VAL B 451 -30.07 13.91 16.67
N ALA B 452 -29.82 14.28 17.92
CA ALA B 452 -29.06 15.48 18.25
C ALA B 452 -27.68 15.42 17.59
N LEU B 453 -27.20 16.57 17.09
CA LEU B 453 -25.86 16.63 16.53
C LEU B 453 -24.79 16.17 17.51
N ALA B 454 -24.98 16.47 18.80
CA ALA B 454 -24.02 16.07 19.84
C ALA B 454 -23.87 14.56 19.92
N ASP B 455 -24.95 13.85 19.60
CA ASP B 455 -24.99 12.38 19.65
C ASP B 455 -24.80 11.69 18.30
N LEU B 456 -24.87 12.46 17.21
CA LEU B 456 -24.88 11.86 15.89
C LEU B 456 -23.76 10.84 15.64
N ALA B 457 -22.52 11.28 15.83
CA ALA B 457 -21.33 10.42 15.62
C ALA B 457 -21.37 9.09 16.40
N GLU B 458 -21.80 9.14 17.66
CA GLU B 458 -21.90 7.93 18.48
C GLU B 458 -23.10 7.07 18.07
N GLU B 459 -24.19 7.70 17.61
CA GLU B 459 -25.33 6.94 17.08
C GLU B 459 -24.96 6.11 15.86
N ILE B 460 -24.44 6.76 14.81
CA ILE B 460 -23.97 6.05 13.63
C ILE B 460 -23.02 4.90 14.01
N LYS B 461 -22.04 5.17 14.88
CA LYS B 461 -21.04 4.17 15.24
C LYS B 461 -21.64 2.91 15.87
N ARG B 462 -22.64 3.08 16.74
CA ARG B 462 -23.27 1.92 17.38
C ARG B 462 -24.18 1.14 16.45
N ARG B 463 -24.61 1.78 15.35
CA ARG B 463 -25.32 1.09 14.27
C ARG B 463 -24.39 0.33 13.33
N LEU B 464 -23.10 0.70 13.33
CA LEU B 464 -22.08 -0.03 12.58
C LEU B 464 -21.51 -1.18 13.40
N THR B 465 -21.25 -0.91 14.68
CA THR B 465 -20.81 -1.93 15.65
C THR B 465 -21.90 -2.99 15.88
C ACT C . 1.58 24.32 17.79
O ACT C . 0.59 24.77 18.40
OXT ACT C . 2.40 25.15 17.35
CH3 ACT C . 1.75 22.84 17.58
#